data_9OUK
#
_entry.id   9OUK
#
_cell.length_a   1.00
_cell.length_b   1.00
_cell.length_c   1.00
_cell.angle_alpha   90.00
_cell.angle_beta   90.00
_cell.angle_gamma   90.00
#
_symmetry.space_group_name_H-M   'P 1'
#
loop_
_entity.id
_entity.type
_entity.pdbx_description
1 polymer 'DNA damage-binding protein 1'
2 polymer 'Protein cereblon'
3 polymer 'DNA-binding protein Ikaros'
4 non-polymer 'ZINC ION'
5 non-polymer N-{2-[(3S)-2,6-dioxopiperidin-3-yl]-1-oxo-2,3-dihydro-1H-isoindol-5-yl}benzamide
#
loop_
_entity_poly.entity_id
_entity_poly.type
_entity_poly.pdbx_seq_one_letter_code
_entity_poly.pdbx_strand_id
1 'polypeptide(L)'
;MSYNYVVTAQKPTAVNGCVTGHFTSAEDLNLLIAKNTRLEIYVVTAEGLRPVKEVGMYGKIAVMELFRPKGESKDLLFIL
TAKYNACILEYKQSGESIDIITRAHGNVQDRIGRPSETGIIGIIDPECRMIGLRLYDGLFKVIPLDRDNKELKAFNIRLE
ELHVIDVKFLYGCQAPTICFVYQDPQGRHVKTYEVSLREKEFNKGPWKQENVEAEASMVIAVPEPFGGAIIIGQESITYH
NGDKYLAIAPPIIKQSTIVCHNRVDPNGSRYLLGDMEGRLFMLLLEKEEQMDGTVTLKDLRVELLGETSIAECLTYLDNG
VVFVGSRLGDSQLVKLNVDSNEQGSYVVAMETFTNLGPIVDMCVVDLERQGQGQLVTCSGAFKEGSLRIIRNGIGGNGNS
GEIQKLHIRTVPLYESPRKICYQEVSQCFGVLSSRIEVQDTSGGTTALRPSASTQALSSSVSSSKLFSSSTAPHETSFGE
EVEVHNLLIIDQHTFEVLHAHQFLQNEYALSLVSCKLGKDPNTYFIVGTAMVYPEEAEPKQGRIVVFQYSDGKLQTVAEK
EVKGAVYSMVEFNGKLLASINSTVRLYEWTTEKELRTECNHYNNIMALYLKTKGDFILVGDLMRSVLLLAYKPMEGNFEE
IARDFNPNWMSAVEILDDDNFLGAENAFNLFVCQKDSAATTDEERQHLQEVGLFHLGEFVNVFCHGSLVMQNLGETSTPT
QGSVLFGTVNGMIGLVTSLSESWYNLLLDMQNRLNKVIKSVGKIEHSFWRSFHTERKTEPATGFIDGDLIESFLDISRPK
MQEVVANLQYDDGSGMKREATADDLIKVVEELTRIHWSHPQFEK
;
A
2 'polypeptide(L)'
;MHHHHHHMAGEGDQQDAAHNMGNHLPLLPAESEEEDEMEVEDQDSKEAKKPNIINFDTSLPTSHTYLGADMEEFHGRTLH
DDDSCQVIPVLPQVMMILIPGQTLPLQLFHPQEVSMVRNLIQKDRTFAVLAYSNVQEREAQFGTTAEIYAYREEQDFGIE
IVKVKAIGRQRFKVLELRTQSDGIQQAKVQILPECVLPSTMSAVQLESLNKCQIFPSKPVSREDQCSYKWWQKYQKRKFH
CANLTSWPRWLYSLYDAETLMDRIKKQLREWDENLKDDSLPSNPIDFSYRVAACLPIDDVLRIQLLKIGSAIQRLRCELD
IMNKCTSLCCKQCQETEITTKNEIFSLSLCGPMAAYVNPHGYVHETLTVYKACNLNLIGRPSTEHSWFPGYAWTVAQCKI
CASHIGWKFTATKKDMSPQKFWGLTRSALLPTIPDTEDEISPDKVILCL
;
B
3 'polypeptide(L)' TGERPFQCNQCGASFTQKGNLLRHIKLHSGEKPFKCHLCNYACRRRDALTGHLRTHS C
#
loop_
_chem_comp.id
_chem_comp.type
_chem_comp.name
_chem_comp.formula
A1CEK non-polymer N-{2-[(3S)-2,6-dioxopiperidin-3-yl]-1-oxo-2,3-dihydro-1H-isoindol-5-yl}benzamide 'C20 H17 N3 O4'
ZN non-polymer 'ZINC ION' 'Zn 2'
#
# COMPACT_ATOMS: atom_id res chain seq x y z
N MET A 1 12.32 16.49 18.81
CA MET A 1 13.69 16.82 18.42
C MET A 1 14.44 15.57 17.92
N SER A 2 15.68 15.77 17.47
CA SER A 2 16.43 14.74 16.76
C SER A 2 16.65 13.47 17.58
N TYR A 3 16.51 13.54 18.90
CA TYR A 3 16.71 12.39 19.77
C TYR A 3 15.40 12.10 20.51
N ASN A 4 14.89 10.88 20.35
CA ASN A 4 13.56 10.53 20.84
C ASN A 4 13.61 9.22 21.61
N TYR A 5 12.54 8.98 22.36
CA TYR A 5 12.42 7.84 23.28
C TYR A 5 11.05 7.23 23.10
N VAL A 6 11.01 5.94 22.77
CA VAL A 6 9.76 5.23 22.52
C VAL A 6 9.61 4.13 23.57
N VAL A 7 8.46 4.11 24.24
CA VAL A 7 8.16 3.10 25.25
C VAL A 7 6.75 2.58 25.00
N THR A 8 6.49 1.39 25.54
CA THR A 8 5.19 0.74 25.39
C THR A 8 4.39 0.93 26.67
N ALA A 9 3.21 1.52 26.54
CA ALA A 9 2.32 1.73 27.67
C ALA A 9 1.32 0.58 27.85
N GLN A 10 0.84 0.02 26.74
CA GLN A 10 -0.05 -1.14 26.76
C GLN A 10 0.45 -2.16 25.75
N LYS A 11 0.57 -3.41 26.20
CA LYS A 11 1.00 -4.48 25.32
C LYS A 11 -0.07 -4.78 24.28
N PRO A 12 0.31 -5.27 23.10
CA PRO A 12 -0.69 -5.62 22.08
C PRO A 12 -1.63 -6.69 22.58
N THR A 13 -2.91 -6.55 22.22
CA THR A 13 -3.96 -7.43 22.72
C THR A 13 -4.65 -8.24 21.63
N ALA A 14 -4.28 -8.09 20.36
CA ALA A 14 -4.91 -8.84 19.29
C ALA A 14 -4.22 -10.19 19.10
N VAL A 15 -5.02 -11.22 18.87
CA VAL A 15 -4.53 -12.59 18.73
C VAL A 15 -4.45 -12.93 17.25
N ASN A 16 -3.27 -13.37 16.81
CA ASN A 16 -3.06 -13.76 15.43
C ASN A 16 -2.68 -15.22 15.26
N GLY A 17 -2.67 -16.02 16.34
CA GLY A 17 -2.38 -17.43 16.25
C GLY A 17 -2.53 -18.15 17.57
N CYS A 18 -2.95 -19.41 17.54
CA CYS A 18 -3.08 -20.21 18.74
C CYS A 18 -2.92 -21.69 18.40
N VAL A 19 -2.17 -22.40 19.23
CA VAL A 19 -1.92 -23.82 19.05
C VAL A 19 -2.09 -24.54 20.38
N THR A 20 -2.30 -25.86 20.29
CA THR A 20 -2.42 -26.73 21.44
C THR A 20 -1.41 -27.87 21.35
N GLY A 21 -0.92 -28.30 22.50
CA GLY A 21 0.05 -29.38 22.53
C GLY A 21 0.54 -29.62 23.94
N HIS A 22 1.64 -30.37 24.02
CA HIS A 22 2.27 -30.70 25.30
C HIS A 22 3.66 -30.05 25.30
N PHE A 23 3.71 -28.79 25.71
CA PHE A 23 4.94 -28.00 25.67
C PHE A 23 5.64 -27.95 27.02
N THR A 24 4.91 -27.65 28.09
CA THR A 24 5.52 -27.57 29.42
C THR A 24 6.01 -28.94 29.87
N SER A 25 5.16 -29.95 29.76
CA SER A 25 5.55 -31.32 30.06
C SER A 25 4.69 -32.27 29.24
N ALA A 26 4.98 -33.56 29.37
CA ALA A 26 4.25 -34.57 28.61
C ALA A 26 2.84 -34.79 29.15
N GLU A 27 2.55 -34.36 30.37
CA GLU A 27 1.24 -34.59 30.98
C GLU A 27 0.36 -33.35 31.01
N ASP A 28 0.90 -32.18 30.70
CA ASP A 28 0.13 -30.94 30.72
C ASP A 28 -0.36 -30.57 29.33
N LEU A 29 -1.63 -30.17 29.25
CA LEU A 29 -2.21 -29.65 28.03
C LEU A 29 -2.01 -28.14 28.02
N ASN A 30 -1.38 -27.62 26.97
CA ASN A 30 -0.95 -26.23 26.93
C ASN A 30 -1.62 -25.49 25.78
N LEU A 31 -1.98 -24.24 26.04
CA LEU A 31 -2.47 -23.33 25.02
C LEU A 31 -1.45 -22.22 24.82
N LEU A 32 -1.01 -22.04 23.59
CA LEU A 32 -0.02 -21.02 23.24
C LEU A 32 -0.71 -19.98 22.37
N ILE A 33 -0.65 -18.72 22.81
CA ILE A 33 -1.32 -17.61 22.13
C ILE A 33 -0.25 -16.67 21.61
N ALA A 34 -0.33 -16.31 20.35
CA ALA A 34 0.61 -15.41 19.71
C ALA A 34 -0.06 -14.06 19.49
N LYS A 35 0.22 -13.12 20.37
CA LYS A 35 -0.03 -11.72 20.09
C LYS A 35 1.22 -11.14 19.44
N ASN A 36 1.08 -9.94 18.89
CA ASN A 36 2.18 -9.32 18.16
C ASN A 36 3.42 -9.22 19.05
N THR A 37 4.48 -9.90 18.64
CA THR A 37 5.78 -9.92 19.30
C THR A 37 5.72 -10.49 20.72
N ARG A 38 4.57 -11.04 21.11
CA ARG A 38 4.40 -11.58 22.46
C ARG A 38 3.86 -13.00 22.38
N LEU A 39 4.41 -13.87 23.23
CA LEU A 39 4.00 -15.27 23.30
C LEU A 39 3.58 -15.60 24.72
N GLU A 40 2.35 -16.09 24.87
CA GLU A 40 1.79 -16.43 26.17
C GLU A 40 1.52 -17.92 26.23
N ILE A 41 1.91 -18.55 27.34
CA ILE A 41 1.77 -19.98 27.54
C ILE A 41 0.84 -20.22 28.72
N TYR A 42 -0.16 -21.08 28.52
CA TYR A 42 -1.15 -21.41 29.54
C TYR A 42 -1.20 -22.91 29.73
N VAL A 43 -1.67 -23.31 30.92
CA VAL A 43 -1.97 -24.70 31.23
C VAL A 43 -3.48 -24.82 31.34
N VAL A 44 -4.06 -25.77 30.60
CA VAL A 44 -5.51 -25.91 30.52
C VAL A 44 -5.98 -26.75 31.71
N THR A 45 -6.74 -26.11 32.59
CA THR A 45 -7.32 -26.76 33.77
C THR A 45 -8.84 -26.77 33.65
N ALA A 46 -9.50 -27.40 34.62
CA ALA A 46 -10.95 -27.49 34.59
C ALA A 46 -11.60 -26.12 34.74
N GLU A 47 -11.00 -25.24 35.55
CA GLU A 47 -11.59 -23.93 35.81
C GLU A 47 -11.31 -22.92 34.70
N GLY A 48 -10.38 -23.21 33.81
CA GLY A 48 -10.07 -22.29 32.73
C GLY A 48 -8.59 -22.38 32.38
N LEU A 49 -8.00 -21.22 32.13
CA LEU A 49 -6.61 -21.11 31.70
C LEU A 49 -5.76 -20.59 32.85
N ARG A 50 -4.64 -21.28 33.12
CA ARG A 50 -3.71 -20.88 34.15
C ARG A 50 -2.44 -20.33 33.50
N PRO A 51 -2.17 -19.03 33.56
CA PRO A 51 -0.95 -18.50 32.93
C PRO A 51 0.29 -19.02 33.63
N VAL A 52 1.32 -19.32 32.82
CA VAL A 52 2.55 -19.91 33.31
C VAL A 52 3.77 -19.09 32.91
N LYS A 53 3.84 -18.70 31.64
CA LYS A 53 5.02 -17.99 31.13
C LYS A 53 4.59 -17.03 30.03
N GLU A 54 5.28 -15.90 29.96
CA GLU A 54 5.08 -14.91 28.92
C GLU A 54 6.42 -14.34 28.51
N VAL A 55 6.72 -14.37 27.21
CA VAL A 55 8.00 -13.91 26.70
C VAL A 55 7.77 -12.95 25.55
N GLY A 56 8.73 -12.06 25.34
CA GLY A 56 8.72 -11.14 24.20
C GLY A 56 9.79 -11.54 23.20
N MET A 57 9.47 -11.36 21.93
CA MET A 57 10.37 -11.75 20.84
C MET A 57 10.75 -10.53 20.02
N TYR A 58 11.93 -10.59 19.42
CA TYR A 58 12.43 -9.51 18.56
C TYR A 58 11.94 -9.70 17.13
N GLY A 59 10.62 -9.70 16.98
CA GLY A 59 10.02 -9.85 15.68
C GLY A 59 8.53 -10.05 15.79
N LYS A 60 7.87 -9.96 14.64
CA LYS A 60 6.44 -10.20 14.55
C LYS A 60 6.21 -11.67 14.18
N ILE A 61 5.48 -12.39 15.03
CA ILE A 61 5.30 -13.82 14.84
C ILE A 61 4.35 -14.05 13.67
N ALA A 62 4.81 -14.81 12.67
CA ALA A 62 4.02 -15.16 11.50
C ALA A 62 3.63 -16.63 11.47
N VAL A 63 4.51 -17.52 11.92
CA VAL A 63 4.24 -18.95 11.95
C VAL A 63 4.54 -19.47 13.35
N MET A 64 3.63 -20.28 13.89
CA MET A 64 3.82 -20.92 15.18
C MET A 64 3.24 -22.33 15.10
N GLU A 65 4.09 -23.35 15.23
CA GLU A 65 3.65 -24.73 15.17
C GLU A 65 4.37 -25.55 16.22
N LEU A 66 3.71 -26.61 16.67
CA LEU A 66 4.26 -27.54 17.66
C LEU A 66 4.46 -28.90 17.02
N PHE A 67 5.65 -29.48 17.24
CA PHE A 67 5.97 -30.78 16.67
C PHE A 67 6.83 -31.56 17.66
N ARG A 68 6.75 -32.88 17.59
CA ARG A 68 7.52 -33.77 18.45
C ARG A 68 8.27 -34.78 17.60
N PRO A 69 9.57 -34.61 17.39
CA PRO A 69 10.35 -35.63 16.69
C PRO A 69 10.63 -36.83 17.60
N LYS A 70 11.16 -37.88 16.99
CA LYS A 70 11.43 -39.11 17.72
C LYS A 70 12.53 -38.89 18.75
N GLY A 71 12.36 -39.51 19.92
CA GLY A 71 13.32 -39.39 21.00
C GLY A 71 13.12 -38.20 21.90
N GLU A 72 12.08 -37.41 21.71
CA GLU A 72 11.81 -36.25 22.53
C GLU A 72 10.66 -36.53 23.48
N SER A 73 10.83 -36.12 24.74
CA SER A 73 9.81 -36.36 25.75
C SER A 73 8.58 -35.48 25.56
N LYS A 74 8.76 -34.24 25.12
CA LYS A 74 7.66 -33.31 24.95
C LYS A 74 7.87 -32.52 23.65
N ASP A 75 6.88 -31.70 23.33
CA ASP A 75 6.85 -31.00 22.04
C ASP A 75 7.88 -29.88 21.99
N LEU A 76 8.26 -29.52 20.76
CA LEU A 76 9.10 -28.38 20.46
C LEU A 76 8.31 -27.36 19.65
N LEU A 77 8.73 -26.11 19.73
CA LEU A 77 8.01 -25.00 19.11
C LEU A 77 8.84 -24.41 17.97
N PHE A 78 8.21 -24.22 16.82
CA PHE A 78 8.84 -23.58 15.68
C PHE A 78 8.22 -22.20 15.47
N ILE A 79 9.07 -21.18 15.37
CA ILE A 79 8.64 -19.80 15.22
C ILE A 79 9.34 -19.19 14.02
N LEU A 80 8.58 -18.52 13.16
CA LEU A 80 9.12 -17.75 12.05
C LEU A 80 8.57 -16.34 12.13
N THR A 81 9.44 -15.34 11.94
CA THR A 81 9.05 -13.95 12.06
C THR A 81 8.91 -13.31 10.68
N ALA A 82 8.33 -12.11 10.67
CA ALA A 82 8.12 -11.38 9.42
C ALA A 82 9.43 -10.98 8.75
N LYS A 83 10.52 -10.89 9.51
CA LYS A 83 11.85 -10.65 8.96
C LYS A 83 12.59 -11.94 8.68
N TYR A 84 11.89 -13.07 8.67
CA TYR A 84 12.43 -14.37 8.27
C TYR A 84 13.47 -14.89 9.26
N ASN A 85 13.22 -14.68 10.55
CA ASN A 85 14.02 -15.29 11.61
C ASN A 85 13.30 -16.55 12.09
N ALA A 86 13.96 -17.70 11.95
CA ALA A 86 13.39 -18.98 12.30
C ALA A 86 14.13 -19.57 13.50
N CYS A 87 13.38 -20.22 14.39
CA CYS A 87 13.97 -20.82 15.57
C CYS A 87 13.15 -22.03 16.01
N ILE A 88 13.83 -22.93 16.71
CA ILE A 88 13.20 -24.08 17.37
C ILE A 88 13.44 -23.92 18.86
N LEU A 89 12.37 -23.95 19.64
CA LEU A 89 12.42 -23.61 21.05
C LEU A 89 11.97 -24.77 21.91
N GLU A 90 12.56 -24.86 23.10
CA GLU A 90 12.26 -25.90 24.08
C GLU A 90 11.93 -25.25 25.41
N TYR A 91 11.08 -25.90 26.19
CA TYR A 91 10.67 -25.42 27.50
C TYR A 91 11.47 -26.16 28.57
N LYS A 92 12.16 -25.40 29.43
CA LYS A 92 12.97 -25.97 30.49
C LYS A 92 12.58 -25.35 31.81
N GLN A 93 12.47 -26.17 32.85
CA GLN A 93 12.11 -25.71 34.19
C GLN A 93 13.03 -26.39 35.19
N SER A 94 13.79 -25.59 35.93
CA SER A 94 14.67 -26.08 37.00
C SER A 94 14.22 -25.40 38.29
N GLY A 95 13.26 -26.02 38.96
CA GLY A 95 12.69 -25.45 40.17
C GLY A 95 11.78 -24.29 39.85
N GLU A 96 12.14 -23.10 40.34
CA GLU A 96 11.37 -21.89 40.05
C GLU A 96 11.84 -21.19 38.78
N SER A 97 12.94 -21.64 38.19
CA SER A 97 13.48 -21.01 36.99
C SER A 97 12.81 -21.59 35.75
N ILE A 98 12.21 -20.73 34.95
CA ILE A 98 11.59 -21.13 33.68
C ILE A 98 12.36 -20.44 32.56
N ASP A 99 12.93 -21.24 31.66
CA ASP A 99 13.72 -20.74 30.55
C ASP A 99 13.17 -21.27 29.24
N ILE A 100 13.23 -20.44 28.21
CA ILE A 100 12.96 -20.85 26.84
C ILE A 100 14.30 -21.03 26.15
N ILE A 101 14.59 -22.25 25.71
CA ILE A 101 15.91 -22.64 25.23
C ILE A 101 15.86 -22.70 23.71
N THR A 102 16.87 -22.11 23.06
CA THR A 102 16.97 -22.13 21.62
C THR A 102 17.76 -23.35 21.18
N ARG A 103 17.11 -24.25 20.44
CA ARG A 103 17.76 -25.44 19.92
C ARG A 103 18.44 -25.19 18.58
N ALA A 104 17.82 -24.38 17.73
CA ALA A 104 18.39 -24.02 16.44
C ALA A 104 17.80 -22.68 16.01
N HIS A 105 18.58 -21.94 15.23
CA HIS A 105 18.12 -20.64 14.75
C HIS A 105 18.85 -20.29 13.46
N GLY A 106 18.24 -19.39 12.69
CA GLY A 106 18.84 -18.94 11.45
C GLY A 106 17.90 -18.00 10.73
N ASN A 107 18.38 -17.48 9.60
CA ASN A 107 17.60 -16.60 8.74
C ASN A 107 17.42 -17.28 7.39
N VAL A 108 16.18 -17.34 6.92
CA VAL A 108 15.83 -18.06 5.71
C VAL A 108 15.47 -17.11 4.56
N GLN A 109 15.86 -15.85 4.67
CA GLN A 109 15.55 -14.88 3.62
C GLN A 109 16.35 -15.17 2.36
N ASP A 110 15.71 -14.97 1.21
CA ASP A 110 16.39 -15.03 -0.09
C ASP A 110 16.67 -13.61 -0.56
N ARG A 111 17.88 -13.38 -1.06
CA ARG A 111 18.25 -12.03 -1.49
C ARG A 111 17.46 -11.61 -2.72
N ILE A 112 17.07 -12.56 -3.56
CA ILE A 112 16.24 -12.30 -4.74
C ILE A 112 14.93 -13.04 -4.57
N GLY A 113 13.83 -12.32 -4.67
CA GLY A 113 12.52 -12.92 -4.55
C GLY A 113 11.44 -11.87 -4.36
N ARG A 114 10.25 -12.21 -4.83
CA ARG A 114 9.07 -11.38 -4.65
C ARG A 114 8.18 -12.02 -3.59
N PRO A 115 7.89 -11.34 -2.49
CA PRO A 115 7.01 -11.91 -1.47
C PRO A 115 5.64 -12.28 -2.04
N SER A 116 5.11 -13.40 -1.57
CA SER A 116 3.86 -13.92 -2.10
C SER A 116 2.68 -13.04 -1.68
N GLU A 117 1.63 -13.06 -2.51
CA GLU A 117 0.46 -12.25 -2.25
C GLU A 117 -0.37 -12.79 -1.10
N THR A 118 -0.53 -14.11 -1.02
CA THR A 118 -1.33 -14.74 0.02
C THR A 118 -0.54 -15.02 1.30
N GLY A 119 0.60 -14.38 1.48
CA GLY A 119 1.29 -14.41 2.75
C GLY A 119 2.28 -15.54 2.90
N ILE A 120 2.75 -15.69 4.14
CA ILE A 120 3.72 -16.71 4.51
C ILE A 120 2.97 -17.94 4.99
N ILE A 121 3.35 -19.10 4.45
CA ILE A 121 2.76 -20.38 4.84
C ILE A 121 3.87 -21.26 5.41
N GLY A 122 3.62 -21.83 6.58
CA GLY A 122 4.56 -22.74 7.21
C GLY A 122 3.89 -24.01 7.67
N ILE A 123 4.39 -25.16 7.20
CA ILE A 123 3.78 -26.45 7.48
C ILE A 123 4.86 -27.44 7.88
N ILE A 124 4.52 -28.31 8.83
CA ILE A 124 5.40 -29.40 9.27
C ILE A 124 4.70 -30.72 8.99
N ASP A 125 5.42 -31.66 8.40
CA ASP A 125 4.83 -32.93 8.05
C ASP A 125 4.59 -33.78 9.31
N PRO A 126 3.62 -34.70 9.26
CA PRO A 126 3.23 -35.43 10.47
C PRO A 126 4.34 -36.25 11.10
N GLU A 127 5.34 -36.69 10.34
CA GLU A 127 6.40 -37.54 10.86
C GLU A 127 7.66 -36.76 11.24
N CYS A 128 7.59 -35.42 11.22
CA CYS A 128 8.67 -34.56 11.71
C CYS A 128 9.98 -34.82 10.96
N ARG A 129 9.91 -34.71 9.63
CA ARG A 129 11.08 -34.85 8.79
C ARG A 129 11.55 -33.54 8.17
N MET A 130 10.66 -32.58 7.96
CA MET A 130 11.04 -31.34 7.30
C MET A 130 10.00 -30.26 7.59
N ILE A 131 10.41 -29.02 7.38
CA ILE A 131 9.51 -27.86 7.45
C ILE A 131 9.43 -27.26 6.06
N GLY A 132 8.20 -27.03 5.59
CA GLY A 132 7.95 -26.45 4.29
C GLY A 132 7.44 -25.03 4.43
N LEU A 133 8.11 -24.11 3.73
CA LEU A 133 7.79 -22.69 3.78
C LEU A 133 7.53 -22.16 2.38
N ARG A 134 6.48 -21.35 2.24
CA ARG A 134 6.15 -20.69 1.00
C ARG A 134 6.27 -19.18 1.25
N LEU A 135 7.42 -18.62 0.91
CA LEU A 135 7.71 -17.21 1.14
C LEU A 135 7.67 -16.39 -0.13
N TYR A 136 8.12 -16.94 -1.26
CA TYR A 136 8.14 -16.24 -2.54
C TYR A 136 7.42 -17.08 -3.58
N ASP A 137 6.84 -16.39 -4.57
CA ASP A 137 6.08 -17.08 -5.60
C ASP A 137 7.01 -17.90 -6.50
N GLY A 138 6.65 -19.17 -6.69
CA GLY A 138 7.42 -20.05 -7.55
C GLY A 138 8.49 -20.87 -6.86
N LEU A 139 8.68 -20.71 -5.55
CA LEU A 139 9.69 -21.44 -4.82
C LEU A 139 9.09 -22.09 -3.58
N PHE A 140 9.57 -23.29 -3.26
CA PHE A 140 9.20 -24.00 -2.05
C PHE A 140 10.47 -24.27 -1.25
N LYS A 141 10.47 -23.87 0.02
CA LYS A 141 11.65 -23.96 0.87
C LYS A 141 11.49 -25.11 1.85
N VAL A 142 12.52 -25.97 1.92
CA VAL A 142 12.50 -27.17 2.75
C VAL A 142 13.65 -27.09 3.74
N ILE A 143 13.35 -27.21 5.02
CA ILE A 143 14.33 -27.25 6.10
C ILE A 143 14.36 -28.68 6.66
N PRO A 144 15.41 -29.46 6.41
CA PRO A 144 15.48 -30.80 7.01
C PRO A 144 15.59 -30.72 8.52
N LEU A 145 14.98 -31.71 9.19
CA LEU A 145 14.88 -31.72 10.65
C LEU A 145 15.80 -32.76 11.27
N ASP A 146 16.98 -32.96 10.69
CA ASP A 146 17.96 -33.81 11.34
C ASP A 146 18.55 -33.10 12.56
N ARG A 147 19.07 -33.90 13.49
CA ARG A 147 19.54 -33.35 14.75
C ARG A 147 20.73 -32.40 14.55
N ASP A 148 21.62 -32.71 13.62
CA ASP A 148 22.79 -31.86 13.39
C ASP A 148 22.50 -30.79 12.34
N ASN A 149 21.39 -30.07 12.51
CA ASN A 149 21.08 -28.86 11.74
C ASN A 149 20.74 -27.77 12.75
N LYS A 150 21.77 -27.10 13.25
CA LYS A 150 21.61 -26.04 14.24
C LYS A 150 21.45 -24.68 13.60
N GLU A 151 21.92 -24.50 12.36
CA GLU A 151 21.86 -23.23 11.66
C GLU A 151 20.65 -23.12 10.74
N LEU A 152 19.80 -24.15 10.71
CA LEU A 152 18.56 -24.16 9.92
C LEU A 152 18.86 -23.89 8.44
N LYS A 153 19.62 -24.80 7.85
CA LYS A 153 19.97 -24.70 6.43
C LYS A 153 18.85 -25.29 5.57
N ALA A 154 18.50 -24.57 4.51
CA ALA A 154 17.38 -24.94 3.66
C ALA A 154 17.81 -24.93 2.20
N PHE A 155 17.00 -25.60 1.37
CA PHE A 155 17.18 -25.61 -0.07
C PHE A 155 15.85 -25.31 -0.74
N ASN A 156 15.93 -24.82 -1.98
CA ASN A 156 14.76 -24.42 -2.73
C ASN A 156 14.43 -25.44 -3.81
N ILE A 157 13.13 -25.69 -3.98
CA ILE A 157 12.62 -26.53 -5.07
C ILE A 157 11.68 -25.68 -5.90
N ARG A 158 11.80 -25.78 -7.22
CA ARG A 158 11.03 -24.93 -8.12
C ARG A 158 9.60 -25.44 -8.25
N LEU A 159 8.64 -24.55 -8.01
CA LEU A 159 7.23 -24.83 -8.23
C LEU A 159 6.81 -24.22 -9.55
N GLU A 160 6.24 -25.04 -10.43
CA GLU A 160 5.77 -24.55 -11.71
C GLU A 160 4.48 -23.74 -11.57
N GLU A 161 3.78 -23.88 -10.46
CA GLU A 161 2.56 -23.12 -10.20
C GLU A 161 2.91 -21.88 -9.39
N LEU A 162 2.51 -20.72 -9.90
CA LEU A 162 2.91 -19.45 -9.31
C LEU A 162 1.90 -18.92 -8.29
N HIS A 163 0.60 -19.14 -8.52
CA HIS A 163 -0.44 -18.61 -7.65
C HIS A 163 -0.98 -19.76 -6.81
N VAL A 164 -0.40 -19.94 -5.62
CA VAL A 164 -0.79 -21.00 -4.70
C VAL A 164 -1.64 -20.38 -3.59
N ILE A 165 -2.79 -20.99 -3.31
CA ILE A 165 -3.72 -20.48 -2.31
C ILE A 165 -3.41 -21.09 -0.95
N ASP A 166 -3.39 -22.41 -0.87
CA ASP A 166 -3.13 -23.11 0.38
C ASP A 166 -2.38 -24.39 0.09
N VAL A 167 -1.57 -24.82 1.06
CA VAL A 167 -0.76 -26.03 0.94
C VAL A 167 -0.69 -26.70 2.30
N LYS A 168 -0.73 -28.03 2.31
CA LYS A 168 -0.71 -28.82 3.54
C LYS A 168 0.05 -30.12 3.31
N PHE A 169 0.45 -30.74 4.42
CA PHE A 169 1.09 -32.04 4.39
C PHE A 169 0.05 -33.13 4.66
N LEU A 170 0.17 -34.25 3.98
CA LEU A 170 -0.81 -35.32 4.04
C LEU A 170 -0.43 -36.37 5.08
N TYR A 171 -1.44 -37.08 5.57
CA TYR A 171 -1.27 -38.14 6.55
C TYR A 171 -1.30 -39.50 5.87
N GLY A 172 -0.59 -40.46 6.46
CA GLY A 172 -0.62 -41.82 5.95
C GLY A 172 0.14 -42.03 4.67
N CYS A 173 1.13 -41.19 4.38
CA CYS A 173 1.97 -41.32 3.20
C CYS A 173 3.35 -41.80 3.59
N GLN A 174 3.88 -42.77 2.83
CA GLN A 174 5.20 -43.31 3.14
C GLN A 174 6.32 -42.32 2.86
N ALA A 175 6.06 -41.32 2.03
CA ALA A 175 6.99 -40.24 1.75
C ALA A 175 6.31 -38.91 2.01
N PRO A 176 7.06 -37.85 2.32
CA PRO A 176 6.45 -36.53 2.56
C PRO A 176 5.70 -36.05 1.32
N THR A 177 4.38 -35.92 1.47
CA THR A 177 3.49 -35.56 0.36
C THR A 177 2.75 -34.28 0.71
N ILE A 178 2.71 -33.35 -0.24
CA ILE A 178 2.02 -32.07 -0.07
C ILE A 178 0.82 -32.03 -1.01
N CYS A 179 -0.26 -31.42 -0.54
CA CYS A 179 -1.44 -31.17 -1.35
C CYS A 179 -1.73 -29.67 -1.32
N PHE A 180 -1.90 -29.07 -2.50
CA PHE A 180 -2.07 -27.63 -2.59
C PHE A 180 -3.10 -27.29 -3.66
N VAL A 181 -3.68 -26.11 -3.52
CA VAL A 181 -4.66 -25.59 -4.48
C VAL A 181 -4.04 -24.36 -5.14
N TYR A 182 -4.09 -24.31 -6.46
CA TYR A 182 -3.53 -23.22 -7.23
C TYR A 182 -4.51 -22.77 -8.30
N GLN A 183 -4.32 -21.55 -8.79
CA GLN A 183 -5.15 -20.99 -9.85
C GLN A 183 -4.32 -20.69 -11.08
N ASP A 184 -4.85 -21.06 -12.24
CA ASP A 184 -4.28 -20.72 -13.54
C ASP A 184 -5.38 -20.01 -14.33
N PRO A 185 -5.12 -19.54 -15.56
CA PRO A 185 -6.22 -18.90 -16.32
C PRO A 185 -7.41 -19.81 -16.56
N GLN A 186 -7.24 -21.14 -16.47
CA GLN A 186 -8.37 -22.05 -16.68
C GLN A 186 -9.28 -22.14 -15.46
N GLY A 187 -8.76 -21.86 -14.28
CA GLY A 187 -9.55 -21.96 -13.06
C GLY A 187 -8.68 -22.39 -11.90
N ARG A 188 -9.32 -23.03 -10.91
CA ARG A 188 -8.65 -23.49 -9.71
C ARG A 188 -8.54 -25.01 -9.73
N HIS A 189 -7.36 -25.52 -9.35
CA HIS A 189 -7.05 -26.94 -9.40
C HIS A 189 -6.40 -27.37 -8.10
N VAL A 190 -6.49 -28.68 -7.83
CA VAL A 190 -5.82 -29.29 -6.69
C VAL A 190 -4.80 -30.29 -7.21
N LYS A 191 -3.61 -30.26 -6.63
CA LYS A 191 -2.50 -31.08 -7.08
C LYS A 191 -1.70 -31.58 -5.88
N THR A 192 -1.01 -32.70 -6.07
CA THR A 192 -0.19 -33.29 -5.02
C THR A 192 1.23 -33.50 -5.54
N TYR A 193 2.19 -33.46 -4.61
CA TYR A 193 3.59 -33.66 -4.92
C TYR A 193 4.23 -34.50 -3.83
N GLU A 194 5.33 -35.16 -4.18
CA GLU A 194 6.18 -35.86 -3.22
C GLU A 194 7.52 -35.14 -3.13
N VAL A 195 8.00 -34.95 -1.91
CA VAL A 195 9.24 -34.21 -1.67
C VAL A 195 10.33 -35.21 -1.34
N SER A 196 11.39 -35.20 -2.13
CA SER A 196 12.53 -36.10 -1.94
C SER A 196 13.68 -35.31 -1.33
N LEU A 197 14.16 -35.76 -0.17
CA LEU A 197 15.26 -35.09 0.49
C LEU A 197 16.61 -35.50 -0.08
N ARG A 198 16.71 -36.70 -0.65
CA ARG A 198 17.96 -37.13 -1.25
C ARG A 198 18.25 -36.39 -2.55
N GLU A 199 17.24 -36.23 -3.40
CA GLU A 199 17.40 -35.58 -4.69
C GLU A 199 17.05 -34.09 -4.66
N LYS A 200 16.47 -33.60 -3.56
CA LYS A 200 16.06 -32.20 -3.44
C LYS A 200 15.14 -31.80 -4.58
N GLU A 201 14.15 -32.64 -4.85
CA GLU A 201 13.33 -32.54 -6.04
C GLU A 201 11.87 -32.84 -5.69
N PHE A 202 10.98 -32.51 -6.63
CA PHE A 202 9.57 -32.89 -6.56
C PHE A 202 9.33 -34.11 -7.42
N ASN A 203 8.63 -35.10 -6.86
CA ASN A 203 8.23 -36.30 -7.56
C ASN A 203 6.72 -36.29 -7.79
N LYS A 204 6.25 -37.25 -8.58
CA LYS A 204 4.84 -37.30 -8.94
C LYS A 204 4.00 -37.67 -7.71
N GLY A 205 2.87 -36.97 -7.56
CA GLY A 205 1.99 -37.21 -6.44
C GLY A 205 1.05 -38.38 -6.69
N PRO A 206 0.28 -38.71 -5.65
CA PRO A 206 -0.65 -39.86 -5.77
C PRO A 206 -1.89 -39.58 -6.59
N TRP A 207 -2.36 -38.34 -6.70
CA TRP A 207 -3.58 -38.06 -7.45
C TRP A 207 -3.62 -36.58 -7.84
N LYS A 208 -4.64 -36.24 -8.62
CA LYS A 208 -4.84 -34.87 -9.09
C LYS A 208 -6.30 -34.72 -9.52
N GLN A 209 -6.83 -33.51 -9.36
CA GLN A 209 -8.24 -33.27 -9.66
C GLN A 209 -8.44 -31.79 -9.97
N GLU A 210 -9.47 -31.51 -10.78
CA GLU A 210 -9.82 -30.16 -11.18
C GLU A 210 -11.14 -29.70 -10.56
N ASN A 211 -11.93 -30.61 -9.99
CA ASN A 211 -13.30 -30.32 -9.56
C ASN A 211 -13.40 -29.30 -8.44
N VAL A 212 -12.28 -28.78 -7.94
CA VAL A 212 -12.30 -27.74 -6.91
C VAL A 212 -13.04 -26.53 -7.45
N GLU A 213 -13.88 -25.91 -6.62
CA GLU A 213 -14.71 -24.80 -7.05
C GLU A 213 -13.89 -23.53 -7.22
N ALA A 214 -14.49 -22.55 -7.90
CA ALA A 214 -13.77 -21.32 -8.26
C ALA A 214 -13.39 -20.48 -7.05
N GLU A 215 -14.05 -20.69 -5.90
CA GLU A 215 -13.79 -19.91 -4.70
C GLU A 215 -13.30 -20.80 -3.57
N ALA A 216 -12.43 -21.75 -3.89
CA ALA A 216 -11.86 -22.65 -2.89
C ALA A 216 -10.59 -22.04 -2.30
N SER A 217 -10.50 -22.01 -0.98
CA SER A 217 -9.39 -21.37 -0.29
C SER A 217 -8.75 -22.19 0.81
N MET A 218 -9.43 -23.17 1.38
CA MET A 218 -8.94 -23.88 2.55
C MET A 218 -8.64 -25.34 2.22
N VAL A 219 -7.51 -25.83 2.71
CA VAL A 219 -7.12 -27.23 2.59
C VAL A 219 -6.97 -27.79 4.00
N ILE A 220 -7.66 -28.90 4.27
CA ILE A 220 -7.61 -29.56 5.57
C ILE A 220 -7.11 -30.98 5.35
N ALA A 221 -6.06 -31.35 6.08
CA ALA A 221 -5.50 -32.69 5.97
C ALA A 221 -6.15 -33.59 7.02
N VAL A 222 -6.80 -34.65 6.56
CA VAL A 222 -7.53 -35.56 7.44
C VAL A 222 -6.60 -36.65 7.94
N PRO A 223 -6.52 -36.90 9.24
CA PRO A 223 -5.65 -37.97 9.74
C PRO A 223 -6.19 -39.36 9.45
N GLU A 224 -5.47 -40.39 9.88
CA GLU A 224 -5.91 -41.76 9.69
C GLU A 224 -7.12 -42.04 10.58
N PRO A 225 -7.97 -43.00 10.21
CA PRO A 225 -7.86 -43.93 9.07
C PRO A 225 -8.40 -43.37 7.76
N PHE A 226 -8.91 -42.14 7.75
CA PHE A 226 -9.49 -41.58 6.53
C PHE A 226 -8.41 -41.19 5.54
N GLY A 227 -7.54 -40.25 5.92
CA GLY A 227 -6.60 -39.69 4.99
C GLY A 227 -7.27 -38.69 4.05
N GLY A 228 -6.50 -38.26 3.06
CA GLY A 228 -7.02 -37.35 2.06
C GLY A 228 -7.08 -35.91 2.55
N ALA A 229 -7.80 -35.10 1.78
CA ALA A 229 -7.90 -33.67 2.04
C ALA A 229 -9.35 -33.22 1.87
N ILE A 230 -9.69 -32.13 2.55
CA ILE A 230 -10.99 -31.50 2.45
C ILE A 230 -10.79 -30.07 1.98
N ILE A 231 -11.47 -29.71 0.89
CA ILE A 231 -11.38 -28.38 0.29
C ILE A 231 -12.66 -27.63 0.60
N ILE A 232 -12.51 -26.43 1.18
CA ILE A 232 -13.65 -25.61 1.59
C ILE A 232 -13.76 -24.42 0.65
N GLY A 233 -14.95 -24.23 0.09
CA GLY A 233 -15.20 -23.11 -0.80
C GLY A 233 -16.35 -22.25 -0.31
N GLN A 234 -16.89 -21.40 -1.20
CA GLN A 234 -17.98 -20.51 -0.78
C GLN A 234 -19.31 -21.24 -0.66
N GLU A 235 -19.58 -22.21 -1.55
CA GLU A 235 -20.84 -22.95 -1.49
C GLU A 235 -20.67 -24.45 -1.34
N SER A 236 -19.46 -24.99 -1.47
CA SER A 236 -19.27 -26.44 -1.49
C SER A 236 -18.14 -26.85 -0.56
N ILE A 237 -18.24 -28.08 -0.06
CA ILE A 237 -17.19 -28.73 0.71
C ILE A 237 -16.94 -30.09 0.09
N THR A 238 -15.69 -30.38 -0.27
CA THR A 238 -15.35 -31.56 -1.03
C THR A 238 -14.24 -32.34 -0.35
N TYR A 239 -14.30 -33.67 -0.49
CA TYR A 239 -13.30 -34.58 0.06
C TYR A 239 -12.63 -35.33 -1.07
N HIS A 240 -11.29 -35.33 -1.07
CA HIS A 240 -10.50 -35.98 -2.11
C HIS A 240 -9.53 -36.97 -1.47
N ASN A 241 -9.59 -38.23 -1.92
CA ASN A 241 -8.59 -39.23 -1.55
C ASN A 241 -8.48 -40.21 -2.71
N GLY A 242 -7.56 -39.95 -3.62
CA GLY A 242 -7.34 -40.82 -4.76
C GLY A 242 -8.55 -40.92 -5.67
N ASP A 243 -9.20 -42.07 -5.66
CA ASP A 243 -10.40 -42.30 -6.45
C ASP A 243 -11.67 -41.98 -5.68
N LYS A 244 -11.56 -41.49 -4.46
CA LYS A 244 -12.72 -41.13 -3.65
C LYS A 244 -13.08 -39.67 -3.88
N TYR A 245 -14.36 -39.42 -4.15
CA TYR A 245 -14.87 -38.06 -4.31
C TYR A 245 -16.20 -37.94 -3.59
N LEU A 246 -16.28 -37.00 -2.64
CA LEU A 246 -17.51 -36.74 -1.90
C LEU A 246 -17.72 -35.23 -1.88
N ALA A 247 -18.92 -34.80 -2.27
CA ALA A 247 -19.23 -33.38 -2.36
C ALA A 247 -20.57 -33.07 -1.69
N ILE A 248 -20.60 -31.98 -0.94
CA ILE A 248 -21.83 -31.47 -0.35
C ILE A 248 -21.88 -29.97 -0.57
N ALA A 249 -23.10 -29.45 -0.69
CA ALA A 249 -23.35 -28.01 -0.85
C ALA A 249 -24.41 -27.58 0.14
N PRO A 250 -24.02 -27.30 1.38
CA PRO A 250 -25.00 -26.92 2.40
C PRO A 250 -25.46 -25.49 2.22
N PRO A 251 -26.79 -25.25 2.23
CA PRO A 251 -27.29 -23.88 2.04
C PRO A 251 -26.92 -22.92 3.14
N ILE A 252 -26.57 -23.42 4.34
CA ILE A 252 -26.38 -22.53 5.48
C ILE A 252 -25.07 -21.75 5.37
N ILE A 253 -24.07 -22.29 4.69
CA ILE A 253 -22.75 -21.67 4.66
C ILE A 253 -22.65 -20.69 3.50
N LYS A 254 -23.76 -20.47 2.80
CA LYS A 254 -23.75 -19.56 1.65
C LYS A 254 -23.74 -18.09 2.05
N GLN A 255 -24.09 -17.77 3.29
CA GLN A 255 -24.20 -16.37 3.69
C GLN A 255 -22.86 -15.71 3.94
N SER A 256 -21.84 -16.47 4.35
CA SER A 256 -20.55 -15.87 4.67
C SER A 256 -19.45 -16.86 4.32
N THR A 257 -18.21 -16.37 4.36
CA THR A 257 -17.05 -17.14 3.95
C THR A 257 -16.36 -17.76 5.16
N ILE A 258 -16.02 -19.04 5.06
CA ILE A 258 -15.31 -19.74 6.11
C ILE A 258 -13.83 -19.37 6.04
N VAL A 259 -13.25 -18.99 7.17
CA VAL A 259 -11.88 -18.52 7.19
C VAL A 259 -10.98 -19.31 8.14
N CYS A 260 -11.51 -19.96 9.17
CA CYS A 260 -10.69 -20.66 10.14
C CYS A 260 -11.27 -22.03 10.43
N HIS A 261 -10.42 -22.94 10.89
CA HIS A 261 -10.83 -24.30 11.22
C HIS A 261 -9.94 -24.86 12.31
N ASN A 262 -10.43 -25.92 12.96
CA ASN A 262 -9.68 -26.62 13.98
C ASN A 262 -10.20 -28.04 14.10
N ARG A 263 -9.31 -28.96 14.48
CA ARG A 263 -9.65 -30.37 14.61
C ARG A 263 -10.08 -30.66 16.05
N VAL A 264 -11.21 -31.36 16.20
CA VAL A 264 -11.77 -31.65 17.51
C VAL A 264 -11.30 -33.02 18.00
N ASP A 265 -11.64 -34.08 17.24
CA ASP A 265 -11.18 -35.39 17.67
C ASP A 265 -9.81 -35.70 17.07
N PRO A 266 -9.00 -36.52 17.74
CA PRO A 266 -7.68 -36.86 17.18
C PRO A 266 -7.75 -37.56 15.84
N ASN A 267 -8.82 -38.30 15.56
CA ASN A 267 -8.93 -39.07 14.33
C ASN A 267 -9.73 -38.34 13.25
N GLY A 268 -10.07 -37.07 13.47
CA GLY A 268 -10.70 -36.28 12.43
C GLY A 268 -12.18 -36.54 12.20
N SER A 269 -12.91 -36.97 13.23
CA SER A 269 -14.34 -37.19 13.07
C SER A 269 -15.12 -35.88 13.04
N ARG A 270 -14.67 -34.87 13.79
CA ARG A 270 -15.37 -33.59 13.86
C ARG A 270 -14.39 -32.45 13.66
N TYR A 271 -14.86 -31.38 13.04
CA TYR A 271 -14.09 -30.18 12.81
C TYR A 271 -14.92 -28.96 13.17
N LEU A 272 -14.24 -27.89 13.58
CA LEU A 272 -14.89 -26.61 13.86
C LEU A 272 -14.57 -25.63 12.74
N LEU A 273 -15.58 -24.91 12.29
CA LEU A 273 -15.43 -23.92 11.22
C LEU A 273 -15.91 -22.56 11.71
N GLY A 274 -15.19 -21.52 11.33
CA GLY A 274 -15.57 -20.16 11.68
C GLY A 274 -15.63 -19.29 10.45
N ASP A 275 -16.65 -18.44 10.39
CA ASP A 275 -16.90 -17.59 9.24
C ASP A 275 -16.62 -16.13 9.59
N MET A 276 -16.90 -15.25 8.63
CA MET A 276 -16.51 -13.85 8.74
C MET A 276 -17.38 -13.04 9.68
N GLU A 277 -18.58 -13.54 10.03
CA GLU A 277 -19.50 -12.78 10.85
C GLU A 277 -19.66 -13.32 12.27
N GLY A 278 -18.93 -14.38 12.63
CA GLY A 278 -18.96 -14.89 13.98
C GLY A 278 -19.76 -16.16 14.18
N ARG A 279 -20.30 -16.75 13.12
CA ARG A 279 -20.99 -18.02 13.23
C ARG A 279 -19.98 -19.15 13.41
N LEU A 280 -20.35 -20.13 14.24
CA LEU A 280 -19.53 -21.30 14.49
C LEU A 280 -20.24 -22.53 13.93
N PHE A 281 -19.53 -23.30 13.11
CA PHE A 281 -20.08 -24.48 12.46
C PHE A 281 -19.33 -25.73 12.91
N MET A 282 -19.99 -26.87 12.75
CA MET A 282 -19.40 -28.17 13.03
C MET A 282 -19.48 -29.03 11.77
N LEU A 283 -18.35 -29.59 11.36
CA LEU A 283 -18.27 -30.49 10.23
C LEU A 283 -18.06 -31.91 10.75
N LEU A 284 -18.96 -32.82 10.41
CA LEU A 284 -18.94 -34.18 10.92
C LEU A 284 -18.68 -35.14 9.77
N LEU A 285 -17.70 -36.03 9.96
CA LEU A 285 -17.32 -37.02 8.98
C LEU A 285 -17.82 -38.38 9.45
N GLU A 286 -18.65 -39.02 8.62
CA GLU A 286 -19.26 -40.29 8.97
C GLU A 286 -18.49 -41.44 8.30
N LYS A 287 -18.23 -42.49 9.07
CA LYS A 287 -17.40 -43.59 8.63
C LYS A 287 -18.21 -44.88 8.59
N GLU A 288 -17.67 -45.86 7.86
CA GLU A 288 -18.25 -47.20 7.82
C GLU A 288 -17.21 -48.21 7.32
N VAL A 295 -12.96 -46.89 8.22
CA VAL A 295 -12.18 -47.39 7.10
C VAL A 295 -12.28 -46.42 5.93
N THR A 296 -13.52 -46.09 5.54
CA THR A 296 -13.76 -45.17 4.44
C THR A 296 -14.85 -44.19 4.84
N LEU A 297 -14.91 -43.07 4.12
CA LEU A 297 -15.87 -42.01 4.38
C LEU A 297 -17.19 -42.30 3.68
N LYS A 298 -18.29 -42.09 4.40
CA LYS A 298 -19.63 -42.33 3.88
C LYS A 298 -20.36 -41.04 3.50
N ASP A 299 -20.35 -40.04 4.37
CA ASP A 299 -21.10 -38.82 4.13
C ASP A 299 -20.46 -37.66 4.88
N LEU A 300 -20.86 -36.45 4.49
CA LEU A 300 -20.40 -35.21 5.11
C LEU A 300 -21.59 -34.43 5.63
N ARG A 301 -21.45 -33.84 6.81
CA ARG A 301 -22.54 -33.13 7.45
C ARG A 301 -22.03 -31.82 8.06
N VAL A 302 -22.84 -30.77 7.94
CA VAL A 302 -22.53 -29.46 8.51
C VAL A 302 -23.73 -29.01 9.33
N GLU A 303 -23.47 -28.57 10.57
CA GLU A 303 -24.51 -28.06 11.44
C GLU A 303 -24.02 -26.79 12.12
N LEU A 304 -24.96 -25.93 12.51
CA LEU A 304 -24.66 -24.63 13.07
C LEU A 304 -24.73 -24.69 14.59
N LEU A 305 -23.68 -24.20 15.26
CA LEU A 305 -23.59 -24.25 16.71
C LEU A 305 -24.10 -22.99 17.39
N GLY A 306 -23.73 -21.82 16.88
CA GLY A 306 -24.17 -20.57 17.50
C GLY A 306 -23.29 -19.42 17.06
N GLU A 307 -23.28 -18.38 17.89
CA GLU A 307 -22.59 -17.13 17.58
C GLU A 307 -21.48 -16.88 18.59
N THR A 308 -20.29 -16.54 18.08
CA THR A 308 -19.17 -16.12 18.89
C THR A 308 -18.64 -14.80 18.36
N SER A 309 -17.49 -14.36 18.86
CA SER A 309 -16.86 -13.18 18.30
C SER A 309 -16.31 -13.49 16.90
N ILE A 310 -16.01 -12.43 16.15
CA ILE A 310 -15.43 -12.61 14.82
C ILE A 310 -14.05 -13.23 15.00
N ALA A 311 -13.91 -14.48 14.54
CA ALA A 311 -12.77 -15.30 14.91
C ALA A 311 -11.65 -15.18 13.89
N GLU A 312 -10.44 -14.95 14.39
CA GLU A 312 -9.23 -15.09 13.57
C GLU A 312 -8.72 -16.52 13.59
N CYS A 313 -8.84 -17.20 14.74
CA CYS A 313 -8.42 -18.58 14.87
C CYS A 313 -9.30 -19.27 15.91
N LEU A 314 -9.35 -20.59 15.83
CA LEU A 314 -10.14 -21.41 16.73
C LEU A 314 -9.26 -22.52 17.30
N THR A 315 -9.61 -22.99 18.49
CA THR A 315 -8.83 -24.01 19.19
C THR A 315 -9.73 -24.73 20.18
N TYR A 316 -9.65 -26.07 20.20
CA TYR A 316 -10.45 -26.89 21.08
C TYR A 316 -9.62 -27.31 22.29
N LEU A 317 -10.23 -27.28 23.47
CA LEU A 317 -9.53 -27.43 24.74
C LEU A 317 -9.87 -28.74 25.46
N ASP A 318 -10.33 -29.75 24.73
CA ASP A 318 -10.45 -31.15 25.17
C ASP A 318 -11.54 -31.43 26.19
N ASN A 319 -12.39 -30.46 26.53
CA ASN A 319 -13.50 -30.74 27.44
C ASN A 319 -14.78 -30.03 27.02
N GLY A 320 -14.97 -29.84 25.72
CA GLY A 320 -16.09 -29.04 25.25
C GLY A 320 -15.85 -27.55 25.33
N VAL A 321 -14.65 -27.13 25.69
CA VAL A 321 -14.30 -25.72 25.80
C VAL A 321 -13.53 -25.32 24.55
N VAL A 322 -13.88 -24.18 23.97
CA VAL A 322 -13.26 -23.69 22.75
C VAL A 322 -12.72 -22.29 23.01
N PHE A 323 -11.48 -22.05 22.60
CA PHE A 323 -10.89 -20.73 22.67
C PHE A 323 -11.08 -20.02 21.33
N VAL A 324 -11.68 -18.83 21.36
CA VAL A 324 -11.90 -18.02 20.18
C VAL A 324 -10.93 -16.84 20.25
N GLY A 325 -9.99 -16.79 19.32
CA GLY A 325 -9.03 -15.72 19.25
C GLY A 325 -9.45 -14.71 18.20
N SER A 326 -9.71 -13.48 18.64
CA SER A 326 -10.29 -12.45 17.80
C SER A 326 -9.31 -11.31 17.58
N ARG A 327 -9.37 -10.71 16.39
CA ARG A 327 -8.63 -9.50 16.08
C ARG A 327 -9.49 -8.26 16.12
N LEU A 328 -10.78 -8.38 15.81
CA LEU A 328 -11.71 -7.26 15.80
C LEU A 328 -12.45 -7.07 17.11
N GLY A 329 -12.24 -7.94 18.09
CA GLY A 329 -12.97 -7.84 19.33
C GLY A 329 -12.37 -8.71 20.40
N ASP A 330 -13.12 -8.87 21.48
CA ASP A 330 -12.65 -9.63 22.64
C ASP A 330 -12.53 -11.11 22.30
N SER A 331 -11.48 -11.74 22.83
CA SER A 331 -11.33 -13.18 22.76
C SER A 331 -12.19 -13.84 23.83
N GLN A 332 -12.64 -15.05 23.55
CA GLN A 332 -13.61 -15.72 24.39
C GLN A 332 -13.20 -17.16 24.70
N LEU A 333 -13.66 -17.64 25.85
CA LEU A 333 -13.74 -19.06 26.14
C LEU A 333 -15.22 -19.44 26.13
N VAL A 334 -15.58 -20.41 25.29
CA VAL A 334 -16.97 -20.80 25.13
C VAL A 334 -17.10 -22.30 25.34
N LYS A 335 -18.30 -22.73 25.72
CA LYS A 335 -18.60 -24.12 26.01
C LYS A 335 -19.67 -24.62 25.04
N LEU A 336 -19.41 -25.76 24.42
CA LEU A 336 -20.38 -26.41 23.54
C LEU A 336 -21.16 -27.44 24.34
N ASN A 337 -22.48 -27.34 24.29
CA ASN A 337 -23.36 -28.23 25.05
C ASN A 337 -24.03 -29.23 24.13
N VAL A 338 -24.28 -30.43 24.66
CA VAL A 338 -25.01 -31.44 23.90
C VAL A 338 -26.44 -30.98 23.65
N ASP A 339 -27.04 -30.32 24.63
CA ASP A 339 -28.35 -29.71 24.50
C ASP A 339 -28.17 -28.23 24.15
N SER A 340 -29.27 -27.49 24.09
CA SER A 340 -29.25 -26.17 23.48
C SER A 340 -30.49 -25.39 23.89
N ASN A 341 -30.51 -24.11 23.50
CA ASN A 341 -31.62 -23.21 23.82
C ASN A 341 -32.68 -23.18 22.73
N GLU A 342 -32.31 -22.74 21.52
CA GLU A 342 -33.27 -22.52 20.43
C GLU A 342 -32.87 -23.19 19.13
N GLN A 343 -31.68 -23.75 19.04
CA GLN A 343 -31.18 -24.43 17.85
C GLN A 343 -30.54 -25.72 18.34
N GLY A 344 -29.70 -26.34 17.51
CA GLY A 344 -29.00 -27.55 17.88
C GLY A 344 -27.59 -27.28 18.34
N SER A 345 -27.24 -27.79 19.52
CA SER A 345 -25.88 -27.76 20.07
C SER A 345 -25.37 -26.32 20.18
N TYR A 346 -26.01 -25.57 21.08
CA TYR A 346 -25.64 -24.19 21.30
C TYR A 346 -24.29 -24.05 22.01
N VAL A 347 -23.78 -22.83 21.99
CA VAL A 347 -22.56 -22.44 22.69
C VAL A 347 -22.94 -21.43 23.77
N VAL A 348 -22.17 -21.44 24.85
CA VAL A 348 -22.37 -20.52 25.97
C VAL A 348 -21.04 -19.87 26.30
N ALA A 349 -21.06 -18.55 26.48
CA ALA A 349 -19.85 -17.81 26.81
C ALA A 349 -19.56 -17.89 28.32
N MET A 350 -18.29 -18.12 28.66
CA MET A 350 -17.88 -18.23 30.05
C MET A 350 -16.70 -17.37 30.43
N GLU A 351 -15.96 -16.81 29.47
CA GLU A 351 -14.83 -15.94 29.79
C GLU A 351 -14.60 -14.99 28.62
N THR A 352 -14.17 -13.77 28.95
CA THR A 352 -13.88 -12.74 27.96
C THR A 352 -12.54 -12.10 28.27
N PHE A 353 -11.70 -11.96 27.24
CA PHE A 353 -10.40 -11.32 27.36
C PHE A 353 -10.39 -10.04 26.54
N THR A 354 -9.87 -8.96 27.13
CA THR A 354 -9.98 -7.63 26.53
C THR A 354 -9.04 -7.48 25.33
N ASN A 355 -9.56 -6.82 24.30
CA ASN A 355 -8.78 -6.49 23.10
C ASN A 355 -9.16 -5.08 22.69
N LEU A 356 -8.17 -4.19 22.60
CA LEU A 356 -8.41 -2.80 22.24
C LEU A 356 -8.26 -2.54 20.75
N GLY A 357 -7.84 -3.53 19.96
CA GLY A 357 -7.61 -3.34 18.56
C GLY A 357 -8.84 -3.63 17.72
N PRO A 358 -8.95 -2.96 16.56
CA PRO A 358 -8.08 -1.89 16.08
C PRO A 358 -8.42 -0.54 16.71
N ILE A 359 -7.43 0.32 16.95
CA ILE A 359 -7.65 1.67 17.43
C ILE A 359 -7.60 2.59 16.23
N VAL A 360 -8.74 3.19 15.88
CA VAL A 360 -8.82 4.07 14.73
C VAL A 360 -8.78 5.55 15.11
N ASP A 361 -9.20 5.89 16.33
CA ASP A 361 -9.11 7.27 16.81
C ASP A 361 -9.10 7.23 18.34
N MET A 362 -8.58 8.31 18.92
CA MET A 362 -8.56 8.43 20.38
C MET A 362 -8.42 9.89 20.76
N CYS A 363 -8.71 10.17 22.03
CA CYS A 363 -8.63 11.54 22.55
C CYS A 363 -8.21 11.48 24.01
N VAL A 364 -7.73 12.60 24.51
CA VAL A 364 -7.27 12.74 25.89
C VAL A 364 -8.21 13.69 26.62
N VAL A 365 -8.73 13.24 27.76
CA VAL A 365 -9.77 13.97 28.48
C VAL A 365 -9.40 14.04 29.96
N ASP A 366 -9.94 15.05 30.64
CA ASP A 366 -9.84 15.22 32.09
C ASP A 366 -8.38 15.39 32.53
N LEU A 367 -7.78 16.49 32.06
CA LEU A 367 -6.39 16.81 32.35
C LEU A 367 -6.22 17.72 33.56
N GLU A 368 -7.29 18.00 34.31
CA GLU A 368 -7.17 18.94 35.43
C GLU A 368 -6.29 18.36 36.53
N ARG A 369 -6.52 17.09 36.89
CA ARG A 369 -5.77 16.34 37.91
C ARG A 369 -6.50 15.05 38.23
N GLN A 372 -4.42 14.00 36.01
CA GLN A 372 -4.42 12.63 35.51
C GLN A 372 -5.38 12.47 34.34
N GLY A 373 -4.83 12.44 33.13
CA GLY A 373 -5.65 12.29 31.94
C GLY A 373 -6.11 10.87 31.72
N GLN A 374 -7.17 10.75 30.94
CA GLN A 374 -7.74 9.46 30.57
C GLN A 374 -7.84 9.38 29.05
N LEU A 375 -7.70 8.15 28.53
CA LEU A 375 -7.68 7.91 27.09
C LEU A 375 -8.97 7.22 26.68
N VAL A 376 -9.68 7.81 25.72
CA VAL A 376 -10.90 7.25 25.17
C VAL A 376 -10.64 6.92 23.71
N THR A 377 -10.84 5.66 23.34
CA THR A 377 -10.48 5.18 22.01
C THR A 377 -11.69 4.58 21.32
N CYS A 378 -11.62 4.55 19.98
CA CYS A 378 -12.61 3.89 19.14
C CYS A 378 -12.04 2.54 18.74
N SER A 379 -12.60 1.46 19.29
CA SER A 379 -12.05 0.12 19.14
C SER A 379 -13.04 -0.80 18.44
N GLY A 380 -12.50 -1.78 17.73
CA GLY A 380 -13.30 -2.80 17.11
C GLY A 380 -13.96 -2.38 15.82
N ALA A 381 -14.73 -3.30 15.26
CA ALA A 381 -15.46 -3.06 14.02
C ALA A 381 -16.67 -3.98 13.98
N PHE A 382 -17.64 -3.59 13.15
CA PHE A 382 -18.89 -4.35 12.93
C PHE A 382 -19.60 -4.47 14.27
N LYS A 383 -20.00 -5.68 14.70
CA LYS A 383 -20.74 -5.82 15.95
C LYS A 383 -19.85 -5.74 17.19
N GLU A 384 -18.54 -5.70 17.02
CA GLU A 384 -17.60 -5.62 18.14
C GLU A 384 -17.13 -4.19 18.41
N GLY A 385 -17.69 -3.21 17.71
CA GLY A 385 -17.29 -1.84 17.96
C GLY A 385 -17.64 -1.38 19.36
N SER A 386 -16.73 -0.64 19.98
CA SER A 386 -16.92 -0.21 21.36
C SER A 386 -16.04 1.00 21.62
N LEU A 387 -16.35 1.68 22.72
CA LEU A 387 -15.51 2.75 23.25
C LEU A 387 -14.79 2.23 24.48
N ARG A 388 -13.47 2.42 24.52
CA ARG A 388 -12.64 1.97 25.63
C ARG A 388 -12.11 3.18 26.38
N ILE A 389 -12.30 3.18 27.70
CA ILE A 389 -11.81 4.23 28.58
C ILE A 389 -10.66 3.65 29.38
N ILE A 390 -9.47 4.20 29.17
CA ILE A 390 -8.23 3.66 29.75
C ILE A 390 -7.72 4.67 30.78
N ARG A 391 -7.42 4.17 31.97
CA ARG A 391 -7.05 5.02 33.09
C ARG A 391 -5.67 4.65 33.63
N LEU A 406 -3.14 -0.81 34.28
CA LEU A 406 -4.10 -0.01 33.53
C LEU A 406 -5.52 -0.50 33.75
N HIS A 407 -6.45 0.43 33.94
CA HIS A 407 -7.86 0.12 34.13
C HIS A 407 -8.62 0.45 32.85
N ILE A 408 -9.40 -0.50 32.37
CA ILE A 408 -10.09 -0.39 31.09
C ILE A 408 -11.58 -0.60 31.32
N ARG A 409 -12.40 0.27 30.74
CA ARG A 409 -13.85 0.16 30.79
C ARG A 409 -14.39 0.10 29.37
N THR A 410 -15.36 -0.79 29.15
CA THR A 410 -15.87 -1.06 27.81
C THR A 410 -17.30 -0.53 27.70
N VAL A 411 -17.56 0.18 26.60
CA VAL A 411 -18.90 0.66 26.26
C VAL A 411 -19.28 0.08 24.90
N PRO A 412 -20.07 -0.99 24.88
CA PRO A 412 -20.41 -1.61 23.59
C PRO A 412 -21.34 -0.73 22.77
N LEU A 413 -21.03 -0.64 21.48
CA LEU A 413 -21.84 0.12 20.53
C LEU A 413 -22.54 -0.75 19.50
N TYR A 414 -22.00 -1.93 19.20
CA TYR A 414 -22.53 -2.86 18.19
C TYR A 414 -22.52 -2.26 16.79
N GLU A 415 -21.66 -1.28 16.56
CA GLU A 415 -21.40 -0.75 15.23
C GLU A 415 -19.98 -0.18 15.24
N SER A 416 -19.52 0.22 14.06
CA SER A 416 -18.14 0.63 13.89
C SER A 416 -17.95 2.09 14.31
N PRO A 417 -17.13 2.37 15.31
CA PRO A 417 -16.78 3.77 15.62
C PRO A 417 -15.60 4.24 14.77
N ARG A 418 -15.69 5.48 14.30
CA ARG A 418 -14.72 6.01 13.35
C ARG A 418 -13.89 7.15 13.94
N LYS A 419 -14.55 8.20 14.42
CA LYS A 419 -13.87 9.37 14.97
C LYS A 419 -14.48 9.75 16.30
N ILE A 420 -13.69 10.42 17.14
CA ILE A 420 -14.14 10.82 18.47
C ILE A 420 -13.56 12.19 18.81
N CYS A 421 -14.34 12.97 19.56
CA CYS A 421 -13.90 14.27 20.06
C CYS A 421 -14.68 14.56 21.33
N TYR A 422 -14.18 15.52 22.11
CA TYR A 422 -14.72 15.81 23.43
C TYR A 422 -15.16 17.27 23.51
N GLN A 423 -16.35 17.49 24.04
CA GLN A 423 -16.90 18.83 24.26
C GLN A 423 -17.05 19.03 25.76
N GLU A 424 -16.25 19.94 26.32
CA GLU A 424 -16.23 20.12 27.77
C GLU A 424 -17.45 20.90 28.27
N VAL A 425 -17.91 21.88 27.50
CA VAL A 425 -19.04 22.70 27.95
C VAL A 425 -20.32 21.86 27.99
N SER A 426 -20.48 20.96 27.02
CA SER A 426 -21.67 20.12 26.97
C SER A 426 -21.51 18.80 27.73
N GLN A 427 -20.30 18.50 28.21
CA GLN A 427 -20.02 17.28 28.98
C GLN A 427 -20.40 16.03 28.20
N CYS A 428 -19.96 15.97 26.94
CA CYS A 428 -20.34 14.88 26.06
C CYS A 428 -19.25 14.61 25.05
N PHE A 429 -19.34 13.45 24.40
CA PHE A 429 -18.43 13.05 23.34
C PHE A 429 -19.17 13.02 22.01
N GLY A 430 -18.48 13.43 20.95
CA GLY A 430 -19.01 13.30 19.61
C GLY A 430 -18.32 12.18 18.87
N VAL A 431 -19.09 11.19 18.41
CA VAL A 431 -18.54 10.00 17.78
C VAL A 431 -19.20 9.82 16.42
N LEU A 432 -18.38 9.63 15.39
CA LEU A 432 -18.86 9.26 14.07
C LEU A 432 -18.90 7.75 13.97
N SER A 433 -20.02 7.21 13.47
CA SER A 433 -20.21 5.76 13.42
C SER A 433 -20.83 5.39 12.09
N SER A 434 -20.74 4.10 11.76
CA SER A 434 -21.33 3.55 10.55
C SER A 434 -21.88 2.17 10.84
N ARG A 435 -23.05 1.87 10.27
CA ARG A 435 -23.67 0.57 10.42
C ARG A 435 -24.00 0.01 9.03
N ILE A 436 -24.12 -1.31 8.96
CA ILE A 436 -24.35 -2.01 7.71
C ILE A 436 -25.83 -2.35 7.60
N GLU A 437 -26.46 -1.93 6.50
CA GLU A 437 -27.85 -2.24 6.23
C GLU A 437 -27.96 -2.87 4.85
N VAL A 438 -29.00 -3.69 4.67
CA VAL A 438 -29.20 -4.44 3.44
C VAL A 438 -30.46 -3.93 2.76
N GLN A 439 -30.41 -3.83 1.44
CA GLN A 439 -31.56 -3.39 0.65
C GLN A 439 -32.59 -4.51 0.56
N ASP A 440 -33.82 -4.23 0.98
CA ASP A 440 -34.88 -5.22 0.93
C ASP A 440 -35.69 -5.03 -0.35
N THR A 441 -36.78 -5.80 -0.47
CA THR A 441 -37.58 -5.78 -1.69
C THR A 441 -38.32 -4.47 -1.88
N SER A 442 -38.56 -3.73 -0.79
CA SER A 442 -39.36 -2.51 -0.89
C SER A 442 -38.60 -1.33 -1.47
N GLY A 443 -37.29 -1.46 -1.66
CA GLY A 443 -36.48 -0.36 -2.12
C GLY A 443 -35.76 0.41 -1.03
N GLY A 444 -36.11 0.16 0.23
CA GLY A 444 -35.44 0.75 1.36
C GLY A 444 -34.31 -0.11 1.88
N THR A 445 -33.95 0.13 3.14
CA THR A 445 -32.87 -0.61 3.77
C THR A 445 -33.32 -1.07 5.16
N THR A 446 -32.84 -2.25 5.57
CA THR A 446 -33.17 -2.83 6.85
C THR A 446 -31.89 -3.16 7.61
N ALA A 447 -31.97 -3.10 8.94
CA ALA A 447 -30.81 -3.25 9.81
C ALA A 447 -30.66 -4.69 10.27
N LEU A 448 -29.40 -5.11 10.41
CA LEU A 448 -29.11 -6.49 10.80
C LEU A 448 -29.31 -6.72 12.29
N ARG A 449 -29.01 -5.73 13.13
CA ARG A 449 -29.10 -5.89 14.57
C ARG A 449 -29.30 -4.52 15.20
N PRO A 450 -29.85 -4.45 16.41
CA PRO A 450 -29.93 -3.17 17.11
C PRO A 450 -28.53 -2.66 17.45
N SER A 451 -28.35 -1.35 17.30
CA SER A 451 -27.07 -0.71 17.56
C SER A 451 -27.32 0.61 18.29
N ALA A 452 -26.22 1.31 18.58
CA ALA A 452 -26.33 2.55 19.35
C ALA A 452 -27.04 3.65 18.55
N SER A 453 -26.94 3.61 17.23
CA SER A 453 -27.59 4.65 16.42
C SER A 453 -29.09 4.45 16.34
N THR A 454 -29.56 3.19 16.47
CA THR A 454 -30.99 2.90 16.43
C THR A 454 -31.64 2.97 17.80
N GLN A 455 -30.87 2.79 18.88
CA GLN A 455 -31.40 2.80 20.24
C GLN A 455 -31.06 4.08 20.99
N ALA A 456 -31.07 5.21 20.29
CA ALA A 456 -30.72 6.47 20.92
C ALA A 456 -31.94 7.11 21.58
N LEU A 457 -31.68 7.98 22.55
CA LEU A 457 -32.76 8.67 23.25
C LEU A 457 -33.54 9.57 22.31
N SER A 458 -32.84 10.31 21.44
CA SER A 458 -33.48 11.16 20.46
C SER A 458 -32.75 10.99 19.12
N SER A 459 -33.47 11.21 18.03
CA SER A 459 -32.94 10.99 16.69
C SER A 459 -33.35 12.11 15.76
N SER A 460 -32.53 12.34 14.75
CA SER A 460 -32.85 13.30 13.69
C SER A 460 -32.21 12.80 12.39
N VAL A 461 -32.77 13.26 11.27
CA VAL A 461 -32.32 12.86 9.94
C VAL A 461 -32.16 14.10 9.09
N SER A 462 -31.09 14.14 8.30
CA SER A 462 -30.88 15.27 7.39
C SER A 462 -31.97 15.33 6.33
N SER A 463 -32.34 14.18 5.77
CA SER A 463 -33.43 14.08 4.81
C SER A 463 -33.80 12.62 4.66
N SER A 464 -35.10 12.36 4.51
CA SER A 464 -35.62 10.99 4.43
C SER A 464 -35.84 10.62 2.96
N LYS A 465 -35.32 9.46 2.57
CA LYS A 465 -35.45 8.96 1.21
C LYS A 465 -35.64 7.45 1.24
N LEU A 466 -36.17 6.92 0.15
CA LEU A 466 -36.39 5.48 0.03
C LEU A 466 -35.07 4.72 -0.02
N PHE A 478 -30.28 -5.21 -5.01
CA PHE A 478 -31.11 -6.02 -4.13
C PHE A 478 -30.28 -6.94 -3.24
N GLY A 479 -30.60 -6.93 -1.94
CA GLY A 479 -29.91 -7.75 -0.96
C GLY A 479 -28.41 -7.44 -0.88
N GLU A 480 -28.06 -6.20 -1.17
CA GLU A 480 -26.68 -5.75 -1.09
C GLU A 480 -26.52 -4.76 0.07
N GLU A 481 -25.28 -4.57 0.50
CA GLU A 481 -24.98 -3.83 1.71
C GLU A 481 -24.67 -2.38 1.39
N VAL A 482 -25.28 -1.47 2.15
CA VAL A 482 -24.96 -0.05 2.10
C VAL A 482 -24.53 0.38 3.50
N GLU A 483 -23.77 1.47 3.56
CA GLU A 483 -23.27 1.99 4.82
C GLU A 483 -24.04 3.24 5.21
N VAL A 484 -24.51 3.27 6.46
CA VAL A 484 -25.26 4.40 6.99
C VAL A 484 -24.40 5.07 8.06
N HIS A 485 -24.14 6.36 7.88
CA HIS A 485 -23.25 7.10 8.77
C HIS A 485 -24.07 7.95 9.73
N ASN A 486 -23.64 7.95 11.00
CA ASN A 486 -24.36 8.66 12.06
C ASN A 486 -23.38 9.43 12.92
N LEU A 487 -23.91 10.47 13.57
CA LEU A 487 -23.17 11.24 14.57
C LEU A 487 -23.85 10.99 15.92
N LEU A 488 -23.07 10.55 16.89
CA LEU A 488 -23.59 10.15 18.20
C LEU A 488 -23.09 11.10 19.29
N ILE A 489 -24.00 11.48 20.17
CA ILE A 489 -23.67 12.28 21.36
C ILE A 489 -23.76 11.34 22.56
N ILE A 490 -22.67 11.23 23.31
CA ILE A 490 -22.55 10.26 24.39
C ILE A 490 -22.20 11.01 25.67
N ASP A 491 -22.96 10.74 26.74
CA ASP A 491 -22.73 11.39 28.01
C ASP A 491 -21.40 10.93 28.62
N GLN A 492 -20.69 11.85 29.27
CA GLN A 492 -19.37 11.55 29.78
C GLN A 492 -19.37 10.77 31.09
N HIS A 493 -20.51 10.70 31.78
CA HIS A 493 -20.60 10.00 33.06
C HIS A 493 -21.20 8.61 32.94
N THR A 494 -22.34 8.49 32.27
CA THR A 494 -23.01 7.21 32.10
C THR A 494 -22.67 6.53 30.78
N PHE A 495 -22.08 7.26 29.83
CA PHE A 495 -21.76 6.74 28.50
C PHE A 495 -23.01 6.16 27.82
N GLU A 496 -24.10 6.89 27.94
CA GLU A 496 -25.36 6.56 27.29
C GLU A 496 -25.54 7.45 26.07
N VAL A 497 -26.12 6.89 25.00
CA VAL A 497 -26.32 7.60 23.76
C VAL A 497 -27.50 8.54 23.93
N LEU A 498 -27.24 9.85 23.90
CA LEU A 498 -28.27 10.86 24.08
C LEU A 498 -28.93 11.27 22.77
N HIS A 499 -28.17 11.31 21.67
CA HIS A 499 -28.70 11.74 20.40
C HIS A 499 -27.96 11.02 19.27
N ALA A 500 -28.69 10.70 18.21
CA ALA A 500 -28.11 10.13 16.99
C ALA A 500 -28.65 10.89 15.79
N HIS A 501 -27.75 11.33 14.92
CA HIS A 501 -28.12 12.07 13.71
C HIS A 501 -27.68 11.27 12.49
N GLN A 502 -28.61 11.02 11.58
CA GLN A 502 -28.35 10.24 10.39
C GLN A 502 -28.12 11.16 9.20
N PHE A 503 -27.07 10.90 8.44
CA PHE A 503 -26.68 11.77 7.35
C PHE A 503 -27.47 11.42 6.09
N LEU A 504 -27.10 12.01 4.97
CA LEU A 504 -27.81 11.81 3.72
C LEU A 504 -27.48 10.43 3.13
N GLN A 505 -28.29 10.03 2.14
CA GLN A 505 -28.01 8.81 1.41
C GLN A 505 -26.74 8.97 0.58
N ASN A 506 -25.90 7.95 0.59
CA ASN A 506 -24.61 7.93 -0.09
C ASN A 506 -23.63 8.96 0.46
N GLU A 507 -23.85 9.42 1.69
CA GLU A 507 -22.97 10.39 2.32
C GLU A 507 -22.00 9.69 3.26
N TYR A 508 -20.74 10.10 3.21
CA TYR A 508 -19.67 9.51 3.99
C TYR A 508 -19.06 10.59 4.87
N ALA A 509 -19.10 10.38 6.18
CA ALA A 509 -18.54 11.33 7.13
C ALA A 509 -17.06 11.00 7.37
N LEU A 510 -16.20 11.99 7.20
CA LEU A 510 -14.76 11.77 7.21
C LEU A 510 -14.02 12.46 8.36
N SER A 511 -14.44 13.65 8.77
CA SER A 511 -13.70 14.41 9.78
C SER A 511 -14.67 14.99 10.80
N LEU A 512 -14.14 15.28 11.98
CA LEU A 512 -14.93 15.80 13.09
C LEU A 512 -14.05 16.60 14.02
N VAL A 513 -14.48 17.84 14.32
CA VAL A 513 -13.79 18.70 15.27
C VAL A 513 -14.81 19.34 16.19
N SER A 514 -14.31 19.84 17.33
CA SER A 514 -15.13 20.57 18.30
C SER A 514 -14.35 21.81 18.71
N CYS A 515 -14.87 22.99 18.40
CA CYS A 515 -14.12 24.22 18.63
C CYS A 515 -15.04 25.42 18.64
N LYS A 516 -14.49 26.54 19.10
CA LYS A 516 -15.13 27.85 19.01
C LYS A 516 -14.54 28.61 17.83
N LEU A 517 -15.38 29.36 17.13
CA LEU A 517 -14.95 30.09 15.94
C LEU A 517 -15.28 31.57 16.08
N GLY A 518 -14.33 32.40 15.69
CA GLY A 518 -14.55 33.84 15.66
C GLY A 518 -14.84 34.41 17.04
N LYS A 519 -15.80 35.34 17.08
CA LYS A 519 -16.23 35.97 18.32
C LYS A 519 -17.48 35.31 18.89
N ASP A 520 -17.90 34.19 18.32
CA ASP A 520 -19.07 33.46 18.81
C ASP A 520 -18.70 32.73 20.10
N PRO A 521 -19.44 32.93 21.19
CA PRO A 521 -19.12 32.25 22.44
C PRO A 521 -19.59 30.81 22.51
N ASN A 522 -20.20 30.27 21.46
CA ASN A 522 -20.71 28.91 21.45
C ASN A 522 -19.67 27.93 20.94
N THR A 523 -19.78 26.69 21.40
CA THR A 523 -18.93 25.59 20.95
C THR A 523 -19.74 24.68 20.04
N TYR A 524 -19.15 24.31 18.90
CA TYR A 524 -19.86 23.61 17.84
C TYR A 524 -19.17 22.29 17.48
N PHE A 525 -19.97 21.35 16.99
CA PHE A 525 -19.47 20.16 16.33
C PHE A 525 -19.45 20.43 14.83
N ILE A 526 -18.29 20.19 14.20
CA ILE A 526 -18.13 20.44 12.77
C ILE A 526 -17.76 19.13 12.10
N VAL A 527 -18.50 18.76 11.05
CA VAL A 527 -18.32 17.49 10.35
C VAL A 527 -18.08 17.80 8.88
N GLY A 528 -17.08 17.14 8.30
CA GLY A 528 -16.79 17.23 6.87
C GLY A 528 -17.10 15.90 6.20
N THR A 529 -17.96 15.96 5.18
CA THR A 529 -18.48 14.77 4.53
C THR A 529 -18.11 14.77 3.05
N ALA A 530 -18.55 13.73 2.35
CA ALA A 530 -18.37 13.58 0.92
C ALA A 530 -19.46 12.69 0.38
N MET A 531 -19.88 12.96 -0.86
CA MET A 531 -20.92 12.18 -1.53
C MET A 531 -20.26 11.15 -2.43
N VAL A 532 -20.49 9.87 -2.15
CA VAL A 532 -19.81 8.77 -2.82
C VAL A 532 -20.83 7.97 -3.60
N TYR A 533 -20.60 7.82 -4.90
CA TYR A 533 -21.43 6.99 -5.75
C TYR A 533 -20.57 5.91 -6.41
N PRO A 534 -21.11 4.71 -6.60
CA PRO A 534 -20.28 3.59 -7.10
C PRO A 534 -19.67 3.85 -8.47
N GLU A 535 -20.32 4.63 -9.33
CA GLU A 535 -19.81 4.86 -10.67
C GLU A 535 -18.82 6.02 -10.74
N GLU A 536 -18.60 6.72 -9.63
CA GLU A 536 -17.66 7.85 -9.59
C GLU A 536 -16.46 7.47 -8.76
N ALA A 537 -15.27 7.56 -9.37
CA ALA A 537 -14.04 7.22 -8.66
C ALA A 537 -13.66 8.30 -7.65
N GLU A 538 -13.72 9.57 -8.07
CA GLU A 538 -13.40 10.68 -7.18
C GLU A 538 -14.68 11.43 -6.81
N PRO A 539 -14.94 11.65 -5.53
CA PRO A 539 -16.14 12.41 -5.15
C PRO A 539 -16.04 13.85 -5.64
N LYS A 540 -17.11 14.31 -6.28
CA LYS A 540 -17.19 15.67 -6.80
C LYS A 540 -18.05 16.59 -5.95
N GLN A 541 -18.63 16.07 -4.87
CA GLN A 541 -19.47 16.88 -4.00
C GLN A 541 -19.20 16.51 -2.55
N GLY A 542 -19.42 17.47 -1.66
CA GLY A 542 -19.26 17.27 -0.24
C GLY A 542 -19.83 18.47 0.49
N ARG A 543 -19.84 18.39 1.81
CA ARG A 543 -20.36 19.51 2.58
C ARG A 543 -19.75 19.52 3.98
N ILE A 544 -19.78 20.70 4.59
CA ILE A 544 -19.35 20.92 5.97
C ILE A 544 -20.55 21.37 6.77
N VAL A 545 -20.87 20.64 7.83
CA VAL A 545 -22.07 20.90 8.62
C VAL A 545 -21.67 21.30 10.03
N VAL A 546 -22.32 22.35 10.54
CA VAL A 546 -22.06 22.87 11.88
C VAL A 546 -23.26 22.51 12.75
N PHE A 547 -22.99 21.79 13.84
CA PHE A 547 -24.01 21.34 14.79
C PHE A 547 -23.78 22.00 16.14
N GLN A 548 -24.87 22.32 16.83
CA GLN A 548 -24.80 22.78 18.22
C GLN A 548 -25.68 21.86 19.07
N TYR A 549 -25.13 21.41 20.19
CA TYR A 549 -25.85 20.56 21.12
C TYR A 549 -26.23 21.40 22.33
N SER A 550 -27.51 21.74 22.44
CA SER A 550 -28.00 22.50 23.58
C SER A 550 -29.48 22.19 23.79
N ASP A 551 -29.87 22.11 25.05
CA ASP A 551 -31.23 21.77 25.47
C ASP A 551 -31.56 20.39 24.88
N GLY A 552 -30.80 19.41 25.35
CA GLY A 552 -31.05 18.01 25.07
C GLY A 552 -31.09 17.56 23.62
N LYS A 553 -30.74 18.44 22.68
CA LYS A 553 -30.99 18.15 21.27
C LYS A 553 -29.86 18.71 20.41
N LEU A 554 -29.73 18.14 19.21
CA LEU A 554 -28.73 18.54 18.23
C LEU A 554 -29.43 19.29 17.11
N GLN A 555 -29.04 20.53 16.89
CA GLN A 555 -29.61 21.38 15.86
C GLN A 555 -28.55 21.79 14.85
N THR A 556 -28.98 21.95 13.60
CA THR A 556 -28.07 22.35 12.52
C THR A 556 -28.05 23.86 12.42
N VAL A 557 -26.85 24.44 12.48
CA VAL A 557 -26.67 25.88 12.46
C VAL A 557 -26.36 26.38 11.04
N ALA A 558 -25.43 25.72 10.35
CA ALA A 558 -25.07 26.13 9.01
C ALA A 558 -24.52 24.94 8.24
N GLU A 559 -24.68 24.98 6.93
CA GLU A 559 -24.09 24.00 6.02
C GLU A 559 -23.46 24.70 4.83
N LYS A 560 -22.34 24.16 4.38
CA LYS A 560 -21.59 24.71 3.26
C LYS A 560 -21.33 23.62 2.25
N GLU A 561 -21.66 23.87 0.99
CA GLU A 561 -21.47 22.90 -0.08
C GLU A 561 -20.14 23.16 -0.77
N VAL A 562 -19.34 22.10 -0.90
CA VAL A 562 -18.04 22.18 -1.54
C VAL A 562 -18.01 21.20 -2.72
N LYS A 563 -16.96 21.31 -3.53
CA LYS A 563 -16.82 20.53 -4.75
C LYS A 563 -15.81 19.40 -4.59
N GLY A 564 -15.78 18.76 -3.43
CA GLY A 564 -14.87 17.66 -3.22
C GLY A 564 -15.05 17.06 -1.84
N ALA A 565 -14.15 16.14 -1.52
CA ALA A 565 -14.20 15.43 -0.25
C ALA A 565 -13.44 16.19 0.83
N VAL A 566 -14.06 16.33 2.00
CA VAL A 566 -13.44 17.00 3.14
C VAL A 566 -12.74 15.91 3.94
N TYR A 567 -11.46 15.69 3.63
CA TYR A 567 -10.71 14.62 4.27
C TYR A 567 -10.35 14.96 5.70
N SER A 568 -9.91 16.19 5.95
CA SER A 568 -9.48 16.59 7.29
C SER A 568 -9.87 18.03 7.55
N MET A 569 -10.13 18.33 8.82
CA MET A 569 -10.39 19.69 9.28
C MET A 569 -9.65 19.91 10.59
N VAL A 570 -9.26 21.16 10.84
CA VAL A 570 -8.55 21.54 12.05
C VAL A 570 -8.91 22.99 12.38
N GLU A 571 -8.75 23.34 13.65
CA GLU A 571 -9.00 24.70 14.12
C GLU A 571 -7.70 25.49 14.07
N PHE A 572 -7.78 26.68 13.47
CA PHE A 572 -6.60 27.50 13.20
C PHE A 572 -6.86 28.94 13.63
N ASN A 573 -6.54 29.25 14.89
CA ASN A 573 -6.59 30.62 15.42
C ASN A 573 -7.96 31.26 15.22
N GLY A 574 -9.00 30.55 15.62
CA GLY A 574 -10.35 31.04 15.49
C GLY A 574 -10.96 30.87 14.11
N LYS A 575 -10.22 30.33 13.16
CA LYS A 575 -10.68 30.05 11.81
C LYS A 575 -10.73 28.54 11.61
N LEU A 576 -11.39 28.12 10.53
CA LEU A 576 -11.53 26.71 10.20
C LEU A 576 -10.65 26.39 9.00
N LEU A 577 -9.89 25.51 9.06
CA LEU A 577 -8.99 24.98 8.08
C LEU A 577 -9.46 23.58 7.62
N ALA A 578 -9.87 23.50 6.35
CA ALA A 578 -10.43 22.23 5.84
C ALA A 578 -9.67 21.80 4.58
N SER A 579 -9.31 20.52 4.51
CA SER A 579 -8.59 19.99 3.31
C SER A 579 -9.62 19.57 2.25
N ILE A 580 -9.73 20.34 1.17
CA ILE A 580 -10.69 20.02 0.09
C ILE A 580 -9.92 19.39 -1.08
N ASN A 581 -9.75 18.07 -1.06
CA ASN A 581 -9.03 17.36 -2.16
C ASN A 581 -7.57 17.84 -2.23
N SER A 582 -7.15 18.34 -3.39
CA SER A 582 -5.73 18.75 -3.57
C SER A 582 -5.54 20.22 -3.17
N THR A 583 -6.59 20.88 -2.68
CA THR A 583 -6.44 22.27 -2.20
C THR A 583 -6.86 22.38 -0.76
N VAL A 584 -6.54 23.51 -0.11
CA VAL A 584 -6.98 23.74 1.30
C VAL A 584 -7.80 25.04 1.30
N ARG A 585 -8.67 25.22 2.29
CA ARG A 585 -9.54 26.42 2.30
C ARG A 585 -9.69 26.96 3.72
N LEU A 586 -9.07 28.11 4.02
CA LEU A 586 -9.28 28.73 5.31
C LEU A 586 -10.64 29.42 5.34
N TYR A 587 -11.37 29.23 6.43
CA TYR A 587 -12.74 29.72 6.56
C TYR A 587 -12.86 30.61 7.78
N GLU A 588 -13.68 31.66 7.65
CA GLU A 588 -13.99 32.56 8.74
C GLU A 588 -15.43 32.36 9.20
N TRP A 589 -15.67 32.64 10.49
CA TRP A 589 -17.00 32.55 11.07
C TRP A 589 -17.58 33.96 11.11
N THR A 590 -18.64 34.18 10.32
CA THR A 590 -19.27 35.49 10.22
C THR A 590 -20.26 35.69 11.36
N THR A 591 -20.56 36.97 11.64
CA THR A 591 -21.58 37.28 12.64
C THR A 591 -22.96 36.80 12.23
N GLU A 592 -23.16 36.49 10.95
CA GLU A 592 -24.40 35.92 10.47
C GLU A 592 -24.43 34.40 10.58
N LYS A 593 -23.49 33.81 11.33
CA LYS A 593 -23.39 32.36 11.51
C LYS A 593 -23.22 31.64 10.18
N GLU A 594 -22.21 32.05 9.43
CA GLU A 594 -21.91 31.47 8.13
C GLU A 594 -20.40 31.30 8.00
N LEU A 595 -20.00 30.54 6.98
CA LEU A 595 -18.60 30.33 6.67
C LEU A 595 -18.23 31.12 5.41
N ARG A 596 -17.18 31.93 5.51
CA ARG A 596 -16.70 32.75 4.40
C ARG A 596 -15.26 32.38 4.10
N THR A 597 -14.94 32.19 2.83
CA THR A 597 -13.61 31.75 2.44
C THR A 597 -12.62 32.90 2.54
N GLU A 598 -11.45 32.60 3.11
CA GLU A 598 -10.38 33.58 3.27
C GLU A 598 -9.31 33.43 2.21
N CYS A 599 -8.69 32.25 2.11
CA CYS A 599 -7.61 32.04 1.16
C CYS A 599 -7.62 30.59 0.69
N ASN A 600 -7.10 30.38 -0.51
CA ASN A 600 -6.99 29.06 -1.12
C ASN A 600 -5.53 28.78 -1.47
N HIS A 601 -5.08 27.57 -1.18
CA HIS A 601 -3.75 27.10 -1.58
C HIS A 601 -3.92 25.78 -2.31
N TYR A 602 -3.48 25.72 -3.56
CA TYR A 602 -3.66 24.55 -4.40
C TYR A 602 -2.37 23.75 -4.45
N ASN A 603 -2.45 22.47 -4.11
CA ASN A 603 -1.32 21.55 -4.14
C ASN A 603 -1.52 20.51 -5.23
N ASN A 604 -0.46 19.76 -5.49
CA ASN A 604 -0.51 18.64 -6.43
C ASN A 604 -0.80 17.32 -5.73
N ILE A 605 -1.00 17.33 -4.41
CA ILE A 605 -1.20 16.12 -3.62
C ILE A 605 -2.49 16.26 -2.82
N MET A 606 -3.04 15.12 -2.43
CA MET A 606 -4.25 15.09 -1.62
C MET A 606 -3.91 15.34 -0.16
N ALA A 607 -4.62 16.27 0.47
CA ALA A 607 -4.33 16.66 1.85
C ALA A 607 -5.10 15.75 2.82
N LEU A 608 -4.61 14.52 2.93
CA LEU A 608 -5.23 13.57 3.84
C LEU A 608 -4.93 13.90 5.30
N TYR A 609 -3.71 14.35 5.57
CA TYR A 609 -3.26 14.62 6.92
C TYR A 609 -3.06 16.12 7.09
N LEU A 610 -3.55 16.66 8.21
CA LEU A 610 -3.50 18.11 8.44
C LEU A 610 -3.27 18.34 9.93
N LYS A 611 -2.12 18.92 10.27
CA LYS A 611 -1.76 19.24 11.65
C LYS A 611 -1.33 20.68 11.74
N THR A 612 -1.46 21.26 12.93
CA THR A 612 -1.25 22.69 13.12
C THR A 612 -0.50 22.95 14.42
N LYS A 613 0.45 23.89 14.37
CA LYS A 613 1.10 24.40 15.58
C LYS A 613 1.46 25.86 15.31
N GLY A 614 0.68 26.76 15.89
CA GLY A 614 0.90 28.18 15.71
C GLY A 614 0.49 28.67 14.34
N ASP A 615 1.46 29.16 13.56
CA ASP A 615 1.21 29.61 12.19
C ASP A 615 1.71 28.61 11.15
N PHE A 616 2.02 27.38 11.56
CA PHE A 616 2.56 26.36 10.68
C PHE A 616 1.55 25.25 10.47
N ILE A 617 1.43 24.79 9.24
CA ILE A 617 0.50 23.73 8.85
C ILE A 617 1.29 22.59 8.23
N LEU A 618 1.06 21.37 8.71
CA LEU A 618 1.71 20.19 8.19
C LEU A 618 0.71 19.41 7.33
N VAL A 619 1.04 19.24 6.06
CA VAL A 619 0.16 18.59 5.08
C VAL A 619 0.84 17.34 4.57
N GLY A 620 0.08 16.24 4.51
CA GLY A 620 0.62 14.98 4.03
C GLY A 620 -0.41 14.19 3.26
N ASP A 621 0.09 13.33 2.38
CA ASP A 621 -0.74 12.43 1.59
C ASP A 621 -0.40 10.98 1.92
N LEU A 622 -1.10 10.06 1.27
CA LEU A 622 -0.86 8.64 1.50
C LEU A 622 0.49 8.18 0.98
N MET A 623 1.09 8.91 0.05
CA MET A 623 2.34 8.52 -0.58
C MET A 623 3.57 9.10 0.11
N ARG A 624 3.44 9.52 1.37
CA ARG A 624 4.54 10.07 2.17
C ARG A 624 5.15 11.30 1.49
N SER A 625 4.28 12.27 1.22
CA SER A 625 4.68 13.57 0.71
C SER A 625 4.40 14.60 1.79
N VAL A 626 5.45 15.08 2.44
CA VAL A 626 5.34 15.99 3.58
C VAL A 626 5.51 17.42 3.07
N LEU A 627 4.55 18.28 3.41
CA LEU A 627 4.53 19.65 2.95
C LEU A 627 4.32 20.56 4.15
N LEU A 628 5.17 21.58 4.29
CA LEU A 628 5.10 22.51 5.40
C LEU A 628 4.68 23.88 4.88
N LEU A 629 3.59 24.42 5.41
CA LEU A 629 3.06 25.71 5.02
C LEU A 629 3.06 26.66 6.22
N ALA A 630 3.09 27.95 5.92
CA ALA A 630 3.04 28.99 6.93
C ALA A 630 1.99 30.03 6.53
N TYR A 631 1.19 30.45 7.50
CA TYR A 631 0.18 31.47 7.28
C TYR A 631 0.77 32.84 7.55
N LYS A 632 0.67 33.74 6.57
CA LYS A 632 1.16 35.10 6.72
C LYS A 632 -0.02 35.98 7.09
N PRO A 633 -0.16 36.40 8.35
CA PRO A 633 -1.36 37.14 8.75
C PRO A 633 -1.48 38.50 8.09
N MET A 634 -0.38 39.10 7.65
CA MET A 634 -0.45 40.44 7.08
C MET A 634 -0.77 40.41 5.58
N GLU A 635 -0.41 39.32 4.89
CA GLU A 635 -0.74 39.18 3.48
C GLU A 635 -2.05 38.45 3.26
N GLY A 636 -2.48 37.65 4.23
CA GLY A 636 -3.71 36.89 4.09
C GLY A 636 -3.65 35.78 3.06
N ASN A 637 -2.53 35.06 2.99
CA ASN A 637 -2.40 33.92 2.10
C ASN A 637 -1.42 32.92 2.70
N PHE A 638 -1.17 31.84 1.99
CA PHE A 638 -0.30 30.77 2.46
C PHE A 638 1.05 30.82 1.73
N GLU A 639 2.08 30.31 2.42
CA GLU A 639 3.42 30.25 1.88
C GLU A 639 4.01 28.87 2.10
N GLU A 640 4.85 28.44 1.17
CA GLU A 640 5.50 27.13 1.27
C GLU A 640 6.88 27.31 1.90
N ILE A 641 7.15 26.56 2.96
CA ILE A 641 8.40 26.68 3.69
C ILE A 641 9.36 25.58 3.25
N ALA A 642 8.93 24.32 3.38
CA ALA A 642 9.79 23.18 3.07
C ALA A 642 8.93 22.00 2.67
N ARG A 643 9.58 21.01 2.05
CA ARG A 643 8.88 19.81 1.59
C ARG A 643 9.86 18.64 1.59
N ASP A 644 9.29 17.43 1.50
CA ASP A 644 10.09 16.22 1.39
C ASP A 644 9.20 15.16 0.74
N PHE A 645 9.52 14.77 -0.49
CA PHE A 645 8.72 13.83 -1.26
C PHE A 645 9.52 12.53 -1.42
N ASN A 646 9.13 11.50 -0.68
CA ASN A 646 9.75 10.18 -0.77
C ASN A 646 8.63 9.16 -0.92
N PRO A 647 8.53 8.47 -2.05
CA PRO A 647 7.39 7.57 -2.27
C PRO A 647 7.40 6.35 -1.36
N ASN A 648 6.42 6.30 -0.45
CA ASN A 648 6.19 5.15 0.42
C ASN A 648 4.74 5.21 0.87
N TRP A 649 4.35 4.32 1.78
CA TRP A 649 3.02 4.32 2.35
C TRP A 649 3.07 4.92 3.75
N MET A 650 2.29 5.97 3.98
CA MET A 650 2.30 6.71 5.22
C MET A 650 0.91 6.66 5.85
N SER A 651 0.85 6.40 7.16
CA SER A 651 -0.41 6.20 7.85
C SER A 651 -0.77 7.31 8.83
N ALA A 652 0.21 8.04 9.37
CA ALA A 652 -0.09 9.09 10.33
C ALA A 652 1.08 10.05 10.41
N VAL A 653 0.78 11.29 10.81
CA VAL A 653 1.79 12.31 11.06
C VAL A 653 1.46 13.03 12.36
N GLU A 654 2.45 13.73 12.90
CA GLU A 654 2.29 14.52 14.10
C GLU A 654 3.41 15.55 14.14
N ILE A 655 3.14 16.66 14.83
CA ILE A 655 4.13 17.73 15.02
C ILE A 655 4.66 17.61 16.44
N LEU A 656 5.98 17.41 16.56
CA LEU A 656 6.61 17.30 17.87
C LEU A 656 6.91 18.67 18.45
N ASP A 657 7.68 19.47 17.72
CA ASP A 657 7.93 20.86 18.08
C ASP A 657 7.95 21.68 16.79
N ASP A 658 8.44 22.91 16.88
CA ASP A 658 8.41 23.82 15.73
C ASP A 658 9.27 23.33 14.57
N ASP A 659 10.28 22.50 14.85
CA ASP A 659 11.23 22.10 13.83
C ASP A 659 11.16 20.62 13.46
N ASN A 660 10.52 19.78 14.28
CA ASN A 660 10.57 18.34 14.10
C ASN A 660 9.16 17.77 13.91
N PHE A 661 9.06 16.80 13.00
CA PHE A 661 7.79 16.18 12.64
C PHE A 661 7.95 14.67 12.62
N LEU A 662 6.95 13.97 13.15
CA LEU A 662 6.98 12.53 13.31
C LEU A 662 5.93 11.87 12.41
N GLY A 663 6.24 10.67 11.93
CA GLY A 663 5.32 9.94 11.08
C GLY A 663 5.53 8.44 11.16
N ALA A 664 4.59 7.71 10.56
CA ALA A 664 4.63 6.26 10.48
C ALA A 664 4.78 5.85 9.03
N GLU A 665 5.70 4.92 8.77
CA GLU A 665 6.11 4.55 7.42
C GLU A 665 5.49 3.23 7.00
N ASN A 666 5.79 2.84 5.76
CA ASN A 666 5.39 1.53 5.26
C ASN A 666 6.13 0.44 6.03
N ALA A 667 5.59 -0.77 5.98
CA ALA A 667 5.92 -1.84 6.92
C ALA A 667 5.46 -1.32 8.28
N PHE A 668 6.31 -1.28 9.29
CA PHE A 668 5.89 -0.88 10.63
C PHE A 668 6.91 0.06 11.26
N ASN A 669 7.33 1.07 10.50
CA ASN A 669 8.40 1.97 10.91
C ASN A 669 7.87 3.32 11.39
N LEU A 670 8.76 4.07 12.04
CA LEU A 670 8.56 5.46 12.41
C LEU A 670 9.71 6.28 11.87
N PHE A 671 9.43 7.54 11.52
CA PHE A 671 10.46 8.42 11.01
C PHE A 671 10.28 9.82 11.60
N VAL A 672 11.38 10.58 11.62
CA VAL A 672 11.37 11.97 12.07
C VAL A 672 12.08 12.81 11.02
N CYS A 673 11.42 13.88 10.60
CA CYS A 673 11.99 14.86 9.67
C CYS A 673 12.11 16.20 10.38
N GLN A 674 13.14 16.96 10.02
CA GLN A 674 13.42 18.21 10.71
C GLN A 674 13.89 19.26 9.72
N LYS A 675 13.78 20.52 10.16
CA LYS A 675 13.93 21.69 9.30
C LYS A 675 15.14 22.52 9.71
N ASP A 676 15.80 23.13 8.71
CA ASP A 676 16.82 24.16 8.93
C ASP A 676 18.05 23.63 9.65
N SER A 677 18.21 22.30 9.72
CA SER A 677 19.34 21.73 10.43
C SER A 677 20.64 21.97 9.67
N ALA A 678 21.73 22.10 10.41
CA ALA A 678 23.05 22.30 9.83
C ALA A 678 23.82 20.98 9.76
N THR A 681 21.94 28.52 2.02
CA THR A 681 21.20 28.83 0.81
C THR A 681 19.75 28.39 0.92
N ASP A 682 18.88 29.00 0.11
CA ASP A 682 17.46 28.69 0.15
C ASP A 682 17.13 27.30 -0.34
N GLU A 683 18.03 26.66 -1.09
CA GLU A 683 17.75 25.31 -1.59
C GLU A 683 17.70 24.29 -0.46
N GLU A 684 18.64 24.37 0.49
CA GLU A 684 18.63 23.46 1.62
C GLU A 684 17.71 23.93 2.74
N ARG A 685 17.28 25.19 2.71
CA ARG A 685 16.28 25.65 3.68
C ARG A 685 14.89 25.14 3.34
N GLN A 686 14.66 24.76 2.08
CA GLN A 686 13.38 24.22 1.65
C GLN A 686 13.33 22.71 1.69
N HIS A 687 14.36 22.06 2.23
CA HIS A 687 14.46 20.61 2.28
C HIS A 687 14.36 20.12 3.70
N LEU A 688 13.49 19.14 3.93
CA LEU A 688 13.40 18.43 5.20
C LEU A 688 14.18 17.12 5.06
N GLN A 689 15.08 16.86 5.99
CA GLN A 689 15.92 15.69 5.94
C GLN A 689 15.62 14.75 7.11
N GLU A 690 15.99 13.49 6.93
CA GLU A 690 15.68 12.45 7.89
C GLU A 690 16.71 12.45 9.01
N VAL A 691 16.24 12.60 10.24
CA VAL A 691 17.10 12.52 11.42
C VAL A 691 16.77 11.34 12.32
N GLY A 692 15.65 10.65 12.09
CA GLY A 692 15.28 9.52 12.90
C GLY A 692 14.60 8.40 12.14
N LEU A 693 15.09 7.17 12.31
CA LEU A 693 14.49 6.00 11.71
C LEU A 693 14.42 4.88 12.75
N PHE A 694 13.33 4.14 12.75
CA PHE A 694 13.07 3.13 13.76
C PHE A 694 12.04 2.15 13.26
N HIS A 695 12.24 0.86 13.56
CA HIS A 695 11.26 -0.17 13.25
C HIS A 695 10.49 -0.51 14.52
N LEU A 696 9.19 -0.25 14.51
CA LEU A 696 8.35 -0.42 15.69
C LEU A 696 7.69 -1.79 15.75
N GLY A 697 7.22 -2.30 14.61
CA GLY A 697 6.51 -3.56 14.57
C GLY A 697 4.99 -3.44 14.61
N GLU A 698 4.46 -2.22 14.63
CA GLU A 698 3.03 -1.99 14.71
C GLU A 698 2.60 -1.00 13.62
N PHE A 699 1.32 -1.06 13.27
CA PHE A 699 0.72 -0.16 12.31
C PHE A 699 -0.02 0.94 13.07
N VAL A 700 0.48 2.17 12.96
CA VAL A 700 0.00 3.30 13.74
C VAL A 700 -1.09 4.01 12.97
N ASN A 701 -2.21 4.30 13.64
CA ASN A 701 -3.35 4.97 13.04
C ASN A 701 -3.55 6.40 13.51
N VAL A 702 -3.28 6.69 14.78
CA VAL A 702 -3.62 7.98 15.36
C VAL A 702 -2.47 8.45 16.26
N PHE A 703 -2.16 9.74 16.19
CA PHE A 703 -1.22 10.40 17.09
C PHE A 703 -1.96 11.44 17.92
N CYS A 704 -1.66 11.47 19.22
CA CYS A 704 -2.33 12.38 20.15
C CYS A 704 -1.30 12.97 21.11
N HIS A 705 -1.59 14.17 21.60
CA HIS A 705 -0.71 14.86 22.55
C HIS A 705 -1.23 14.62 23.96
N GLY A 706 -0.89 13.45 24.50
CA GLY A 706 -1.23 13.10 25.87
C GLY A 706 -0.15 13.51 26.86
N SER A 707 -0.03 14.81 27.11
CA SER A 707 1.09 15.33 27.90
C SER A 707 1.14 14.69 29.29
N LEU A 708 0.01 14.68 30.00
CA LEU A 708 -0.02 14.12 31.34
C LEU A 708 -1.11 13.07 31.50
N VAL A 709 -1.23 12.17 30.53
CA VAL A 709 -2.18 11.06 30.66
C VAL A 709 -1.78 10.16 31.83
N MET A 710 -0.50 9.81 31.90
CA MET A 710 0.05 8.98 32.97
C MET A 710 0.88 9.81 33.94
N GLN A 711 0.59 11.11 34.03
CA GLN A 711 1.33 12.03 34.88
C GLN A 711 2.83 11.99 34.61
N PRO A 719 14.08 15.50 32.45
CA PRO A 719 14.88 14.59 31.63
C PRO A 719 14.30 14.42 30.23
N THR A 720 12.97 14.45 30.13
CA THR A 720 12.26 14.28 28.88
C THR A 720 11.36 15.48 28.63
N GLN A 721 11.13 15.78 27.36
CA GLN A 721 10.33 16.93 26.95
C GLN A 721 9.25 16.47 25.99
N GLY A 722 8.00 16.85 26.28
CA GLY A 722 6.88 16.48 25.44
C GLY A 722 6.36 15.09 25.76
N SER A 723 5.20 14.79 25.18
CA SER A 723 4.58 13.48 25.37
C SER A 723 3.56 13.27 24.26
N VAL A 724 3.76 12.22 23.46
CA VAL A 724 2.87 11.88 22.35
C VAL A 724 2.48 10.41 22.48
N LEU A 725 1.19 10.13 22.35
CA LEU A 725 0.67 8.77 22.36
C LEU A 725 0.24 8.36 20.95
N PHE A 726 0.34 7.07 20.67
CA PHE A 726 -0.17 6.53 19.41
C PHE A 726 -0.93 5.23 19.67
N GLY A 727 -1.88 4.97 18.80
CA GLY A 727 -2.68 3.75 18.87
C GLY A 727 -2.50 2.93 17.60
N THR A 728 -2.45 1.62 17.75
CA THR A 728 -2.11 0.73 16.66
C THR A 728 -3.29 -0.19 16.33
N VAL A 729 -3.12 -0.94 15.23
CA VAL A 729 -4.12 -1.91 14.82
C VAL A 729 -4.19 -3.07 15.81
N ASN A 730 -3.05 -3.46 16.37
CA ASN A 730 -2.97 -4.58 17.28
C ASN A 730 -3.48 -4.26 18.69
N GLY A 731 -3.96 -3.04 18.92
CA GLY A 731 -4.38 -2.66 20.25
C GLY A 731 -3.25 -2.26 21.17
N MET A 732 -2.15 -1.80 20.61
CA MET A 732 -0.98 -1.38 21.38
C MET A 732 -0.96 0.13 21.52
N ILE A 733 -0.62 0.60 22.72
CA ILE A 733 -0.52 2.02 23.02
C ILE A 733 0.93 2.31 23.40
N GLY A 734 1.52 3.33 22.76
CA GLY A 734 2.91 3.67 22.98
C GLY A 734 3.09 5.16 23.21
N LEU A 735 4.27 5.51 23.71
CA LEU A 735 4.61 6.88 24.06
C LEU A 735 5.91 7.29 23.40
N VAL A 736 5.96 8.53 22.92
CA VAL A 736 7.17 9.12 22.33
C VAL A 736 7.47 10.42 23.07
N THR A 737 8.72 10.57 23.50
CA THR A 737 9.16 11.77 24.19
C THR A 737 10.55 12.12 23.69
N SER A 738 10.95 13.37 23.93
CA SER A 738 12.20 13.90 23.39
C SER A 738 13.27 13.94 24.48
N LEU A 739 14.52 13.69 24.08
CA LEU A 739 15.66 13.64 24.98
C LEU A 739 16.74 14.61 24.52
N SER A 740 17.56 15.04 25.48
CA SER A 740 18.72 15.86 25.17
C SER A 740 19.87 15.02 24.63
N GLU A 741 20.88 15.69 24.10
CA GLU A 741 21.99 14.98 23.45
C GLU A 741 22.75 14.11 24.44
N SER A 742 23.02 14.63 25.64
CA SER A 742 23.78 13.87 26.63
C SER A 742 23.03 12.62 27.06
N TRP A 743 21.74 12.77 27.35
CA TRP A 743 20.93 11.62 27.75
C TRP A 743 20.81 10.62 26.62
N TYR A 744 20.66 11.10 25.38
CA TYR A 744 20.60 10.19 24.23
C TYR A 744 21.88 9.40 24.09
N ASN A 745 23.03 10.06 24.23
CA ASN A 745 24.31 9.36 24.12
C ASN A 745 24.46 8.32 25.23
N LEU A 746 24.10 8.70 26.46
CA LEU A 746 24.20 7.76 27.58
C LEU A 746 23.29 6.56 27.36
N LEU A 747 22.06 6.79 26.90
CA LEU A 747 21.13 5.68 26.68
C LEU A 747 21.55 4.81 25.50
N LEU A 748 22.14 5.39 24.46
CA LEU A 748 22.65 4.58 23.36
C LEU A 748 23.80 3.69 23.82
N ASP A 749 24.72 4.26 24.61
CA ASP A 749 25.80 3.45 25.16
C ASP A 749 25.26 2.34 26.04
N MET A 750 24.27 2.65 26.89
CA MET A 750 23.68 1.63 27.74
C MET A 750 22.98 0.56 26.94
N GLN A 751 22.34 0.94 25.82
CA GLN A 751 21.73 -0.04 24.92
C GLN A 751 22.78 -0.99 24.38
N ASN A 752 23.91 -0.45 23.92
CA ASN A 752 24.97 -1.29 23.37
C ASN A 752 25.52 -2.23 24.43
N ARG A 753 25.66 -1.75 25.67
CA ARG A 753 26.16 -2.61 26.74
C ARG A 753 25.12 -3.65 27.16
N LEU A 754 23.83 -3.31 27.08
CA LEU A 754 22.79 -4.25 27.48
C LEU A 754 22.58 -5.35 26.45
N ASN A 755 22.80 -5.05 25.17
CA ASN A 755 22.64 -6.05 24.13
C ASN A 755 23.62 -7.21 24.26
N LYS A 756 24.70 -7.06 25.02
CA LYS A 756 25.70 -8.11 25.17
C LYS A 756 25.37 -9.10 26.29
N VAL A 757 24.53 -8.73 27.25
CA VAL A 757 24.23 -9.60 28.37
C VAL A 757 22.81 -10.16 28.34
N ILE A 758 21.90 -9.56 27.59
CA ILE A 758 20.52 -10.02 27.56
C ILE A 758 20.39 -11.12 26.51
N LYS A 759 19.85 -12.26 26.93
CA LYS A 759 19.64 -13.40 26.05
C LYS A 759 18.29 -13.26 25.35
N SER A 760 18.31 -13.22 24.03
CA SER A 760 17.10 -13.07 23.23
C SER A 760 16.50 -14.44 22.93
N VAL A 761 15.17 -14.47 22.82
CA VAL A 761 14.46 -15.69 22.49
C VAL A 761 14.56 -15.90 20.97
N GLY A 762 15.18 -17.01 20.57
CA GLY A 762 15.51 -17.23 19.18
C GLY A 762 16.85 -16.68 18.76
N LYS A 763 17.58 -16.06 19.68
CA LYS A 763 18.91 -15.50 19.41
C LYS A 763 18.88 -14.49 18.27
N ILE A 764 17.86 -13.64 18.27
CA ILE A 764 17.73 -12.55 17.30
C ILE A 764 18.46 -11.33 17.85
N GLU A 765 19.12 -10.59 16.95
CA GLU A 765 19.85 -9.40 17.33
C GLU A 765 18.91 -8.19 17.40
N HIS A 766 19.07 -7.40 18.45
CA HIS A 766 18.22 -6.23 18.64
C HIS A 766 18.42 -5.20 17.53
N SER A 767 19.66 -5.04 17.08
CA SER A 767 19.94 -4.10 16.00
C SER A 767 19.22 -4.50 14.71
N PHE A 768 19.24 -5.80 14.38
CA PHE A 768 18.51 -6.28 13.21
C PHE A 768 17.01 -6.09 13.38
N TRP A 769 16.50 -6.32 14.59
CA TRP A 769 15.06 -6.18 14.84
C TRP A 769 14.62 -4.73 14.68
N ARG A 770 15.40 -3.79 15.18
CA ARG A 770 15.01 -2.38 15.17
C ARG A 770 15.43 -1.65 13.90
N SER A 771 16.00 -2.35 12.93
CA SER A 771 16.43 -1.71 11.69
C SER A 771 15.25 -1.30 10.83
N PHE A 772 15.31 -0.08 10.30
CA PHE A 772 14.30 0.40 9.36
C PHE A 772 14.21 -0.53 8.17
N HIS A 773 12.98 -0.95 7.85
CA HIS A 773 12.78 -2.04 6.89
C HIS A 773 11.69 -1.69 5.89
N THR A 774 12.06 -1.62 4.62
CA THR A 774 11.14 -1.65 3.50
C THR A 774 11.55 -2.80 2.56
N GLU A 775 10.76 -2.99 1.51
CA GLU A 775 11.08 -4.04 0.55
C GLU A 775 12.27 -3.67 -0.33
N ARG A 776 12.59 -2.38 -0.43
CA ARG A 776 13.68 -1.91 -1.28
C ARG A 776 14.85 -1.35 -0.51
N LYS A 777 14.74 -1.22 0.81
CA LYS A 777 15.80 -0.59 1.60
C LYS A 777 15.79 -1.13 3.02
N THR A 778 16.96 -1.46 3.54
CA THR A 778 17.14 -1.76 4.96
C THR A 778 18.24 -0.86 5.49
N GLU A 779 18.03 -0.30 6.67
CA GLU A 779 18.95 0.68 7.25
C GLU A 779 18.98 0.53 8.76
N PRO A 780 20.10 0.84 9.39
CA PRO A 780 20.15 0.84 10.86
C PRO A 780 19.30 1.96 11.44
N ALA A 781 18.85 1.75 12.67
CA ALA A 781 18.04 2.73 13.37
C ALA A 781 18.91 3.88 13.87
N THR A 782 18.37 5.09 13.82
CA THR A 782 19.08 6.28 14.27
C THR A 782 18.11 7.24 14.95
N GLY A 783 18.59 7.89 16.01
CA GLY A 783 17.82 8.92 16.66
C GLY A 783 16.71 8.43 17.58
N PHE A 784 16.61 7.12 17.80
CA PHE A 784 15.54 6.56 18.60
C PHE A 784 16.12 5.66 19.68
N ILE A 785 15.55 5.73 20.88
CA ILE A 785 15.95 4.90 22.01
C ILE A 785 14.79 3.97 22.34
N ASP A 786 15.06 2.67 22.39
CA ASP A 786 14.06 1.67 22.73
C ASP A 786 13.91 1.62 24.24
N GLY A 787 12.79 2.14 24.74
CA GLY A 787 12.58 2.20 26.17
C GLY A 787 12.32 0.83 26.80
N ASP A 788 11.83 -0.12 26.01
CA ASP A 788 11.61 -1.46 26.54
C ASP A 788 12.92 -2.12 26.95
N LEU A 789 13.95 -2.01 26.11
CA LEU A 789 15.24 -2.60 26.44
C LEU A 789 15.90 -1.89 27.60
N ILE A 790 15.71 -0.57 27.70
CA ILE A 790 16.27 0.19 28.82
C ILE A 790 15.58 -0.20 30.12
N GLU A 791 14.26 -0.42 30.08
CA GLU A 791 13.52 -0.82 31.26
C GLU A 791 13.75 -2.28 31.63
N SER A 792 14.23 -3.10 30.69
CA SER A 792 14.66 -4.45 31.04
C SER A 792 15.87 -4.46 31.95
N PHE A 793 16.56 -3.32 32.11
CA PHE A 793 17.73 -3.26 32.98
C PHE A 793 17.38 -3.54 34.44
N LEU A 794 16.16 -3.18 34.87
CA LEU A 794 15.75 -3.40 36.25
C LEU A 794 15.39 -4.85 36.54
N ASP A 795 15.23 -5.69 35.52
CA ASP A 795 14.86 -7.08 35.70
C ASP A 795 16.05 -8.02 35.83
N ILE A 796 17.26 -7.56 35.51
CA ILE A 796 18.43 -8.43 35.52
C ILE A 796 19.03 -8.49 36.91
N SER A 797 19.90 -9.47 37.13
CA SER A 797 20.51 -9.69 38.44
C SER A 797 21.63 -8.67 38.69
N ARG A 798 22.03 -8.58 39.95
CA ARG A 798 23.08 -7.63 40.32
C ARG A 798 24.42 -7.88 39.64
N PRO A 799 24.94 -9.12 39.56
CA PRO A 799 26.20 -9.31 38.82
C PRO A 799 26.11 -8.87 37.36
N LYS A 800 24.97 -9.11 36.71
CA LYS A 800 24.79 -8.61 35.36
C LYS A 800 24.74 -7.09 35.32
N MET A 801 24.16 -6.47 36.36
CA MET A 801 24.16 -5.02 36.46
C MET A 801 25.59 -4.49 36.52
N GLN A 802 26.42 -5.09 37.36
CA GLN A 802 27.81 -4.66 37.47
C GLN A 802 28.56 -4.91 36.17
N GLU A 803 28.26 -6.00 35.47
CA GLU A 803 28.86 -6.23 34.16
C GLU A 803 28.49 -5.12 33.17
N VAL A 804 27.22 -4.70 33.18
CA VAL A 804 26.78 -3.65 32.26
C VAL A 804 27.45 -2.31 32.61
N VAL A 805 27.52 -1.98 33.90
CA VAL A 805 28.00 -0.65 34.30
C VAL A 805 29.50 -0.54 34.37
N ALA A 806 30.24 -1.62 34.08
CA ALA A 806 31.69 -1.59 34.21
C ALA A 806 32.31 -0.67 33.17
N ASN A 807 33.18 0.23 33.63
CA ASN A 807 33.94 1.15 32.77
C ASN A 807 33.01 2.08 31.98
N LEU A 808 32.05 2.67 32.68
CA LEU A 808 31.13 3.65 32.11
C LEU A 808 31.31 4.98 32.82
N GLN A 809 31.37 6.05 32.04
CA GLN A 809 31.55 7.40 32.59
C GLN A 809 30.19 8.06 32.74
N TYR A 810 29.89 8.51 33.97
CA TYR A 810 28.59 9.08 34.30
C TYR A 810 28.69 10.60 34.28
N ASP A 811 27.97 11.23 33.36
CA ASP A 811 27.96 12.69 33.24
C ASP A 811 26.90 13.25 34.20
N ASP A 812 27.27 13.28 35.48
CA ASP A 812 26.38 13.82 36.50
C ASP A 812 26.15 15.30 36.28
N GLY A 813 25.00 15.78 36.76
CA GLY A 813 24.69 17.20 36.66
C GLY A 813 25.64 18.09 37.45
N SER A 814 26.41 17.51 38.37
CA SER A 814 27.40 18.27 39.11
C SER A 814 28.50 18.81 38.21
N GLY A 815 28.94 18.04 37.21
CA GLY A 815 29.90 18.50 36.22
C GLY A 815 31.06 17.56 35.98
N MET A 816 31.53 16.84 37.00
CA MET A 816 32.69 15.98 36.86
C MET A 816 32.24 14.56 36.57
N LYS A 817 32.87 13.93 35.58
CA LYS A 817 32.52 12.57 35.21
C LYS A 817 33.27 11.57 36.09
N ARG A 818 32.57 10.51 36.49
CA ARG A 818 33.15 9.48 37.35
C ARG A 818 32.60 8.12 36.95
N GLU A 819 33.25 7.07 37.44
CA GLU A 819 32.85 5.72 37.10
C GLU A 819 31.48 5.42 37.68
N ALA A 820 30.51 5.14 36.81
CA ALA A 820 29.14 4.92 37.24
C ALA A 820 29.01 3.57 37.95
N THR A 821 28.20 3.56 39.00
CA THR A 821 27.84 2.33 39.69
C THR A 821 26.41 1.95 39.30
N ALA A 822 25.99 0.76 39.76
CA ALA A 822 24.69 0.23 39.36
C ALA A 822 23.54 1.10 39.88
N ASP A 823 23.71 1.66 41.08
CA ASP A 823 22.61 2.42 41.69
C ASP A 823 22.27 3.68 40.92
N ASP A 824 23.29 4.33 40.33
CA ASP A 824 23.04 5.53 39.53
C ASP A 824 22.17 5.20 38.32
N LEU A 825 22.50 4.13 37.61
CA LEU A 825 21.70 3.73 36.46
C LEU A 825 20.31 3.24 36.90
N ILE A 826 20.21 2.62 38.07
CA ILE A 826 18.90 2.24 38.59
C ILE A 826 18.05 3.48 38.80
N LYS A 827 18.64 4.53 39.39
CA LYS A 827 17.92 5.79 39.58
C LYS A 827 17.47 6.37 38.24
N VAL A 828 18.37 6.36 37.25
CA VAL A 828 18.04 6.92 35.94
C VAL A 828 16.89 6.15 35.29
N VAL A 829 17.00 4.82 35.28
CA VAL A 829 15.97 3.99 34.58
C VAL A 829 14.62 4.23 35.27
N GLU A 830 14.61 4.35 36.60
CA GLU A 830 13.35 4.62 37.34
C GLU A 830 12.54 5.69 36.60
N GLU A 831 13.12 6.88 36.41
CA GLU A 831 12.40 7.99 35.73
C GLU A 831 11.84 7.50 34.39
N LEU A 832 12.66 6.83 33.58
CA LEU A 832 12.22 6.36 32.24
C LEU A 832 11.02 5.41 32.35
N THR A 833 10.83 4.75 33.50
CA THR A 833 9.64 3.89 33.68
C THR A 833 8.49 4.75 34.18
N ARG A 834 8.79 5.74 35.04
CA ARG A 834 7.72 6.58 35.65
C ARG A 834 6.94 7.33 34.57
N ILE A 835 7.53 7.55 33.39
CA ILE A 835 6.85 8.34 32.32
C ILE A 835 5.45 7.76 32.04
N HIS A 836 5.29 6.45 32.19
CA HIS A 836 3.97 5.79 31.93
C HIS A 836 3.59 4.94 33.14
N TRP A 837 2.50 4.16 33.01
CA TRP A 837 2.08 3.26 34.13
C TRP A 837 2.91 1.99 34.15
N SER A 838 2.67 1.12 35.12
CA SER A 838 3.40 -0.14 35.20
C SER A 838 2.47 -1.32 34.94
N HIS A 839 2.99 -2.32 34.24
CA HIS A 839 2.22 -3.51 33.92
C HIS A 839 2.10 -4.43 35.13
N PRO A 840 1.01 -5.16 35.26
CA PRO A 840 0.85 -6.11 36.36
C PRO A 840 1.46 -7.47 36.02
N GLN A 841 1.52 -8.32 37.05
CA GLN A 841 2.06 -9.66 36.87
C GLN A 841 1.12 -10.51 36.03
N PHE A 842 1.70 -11.33 35.15
CA PHE A 842 0.91 -12.16 34.25
C PHE A 842 0.68 -13.56 34.82
N GLU A 843 1.76 -14.29 35.09
CA GLU A 843 1.65 -15.65 35.59
C GLU A 843 1.33 -15.66 37.08
N LYS A 844 0.83 -16.80 37.55
CA LYS A 844 0.49 -16.97 38.97
C LYS A 844 1.72 -17.34 39.78
N ILE B 53 -9.79 1.31 -39.25
CA ILE B 53 -8.50 0.71 -39.58
C ILE B 53 -8.70 -0.72 -40.06
N ILE B 54 -8.82 -0.89 -41.37
CA ILE B 54 -9.03 -2.19 -41.99
C ILE B 54 -8.05 -2.34 -43.14
N ASN B 55 -7.44 -3.52 -43.24
CA ASN B 55 -6.49 -3.90 -44.28
C ASN B 55 -5.17 -3.15 -44.19
N PHE B 56 -4.97 -2.35 -43.15
CA PHE B 56 -3.68 -1.68 -42.91
C PHE B 56 -3.04 -2.32 -41.70
N ASP B 57 -1.84 -2.87 -41.89
CA ASP B 57 -1.09 -3.49 -40.81
C ASP B 57 -0.45 -2.39 -39.97
N THR B 58 -0.93 -2.21 -38.74
CA THR B 58 -0.39 -1.19 -37.85
C THR B 58 1.03 -1.49 -37.40
N SER B 59 1.52 -2.71 -37.63
CA SER B 59 2.92 -3.03 -37.36
C SER B 59 3.87 -2.43 -38.39
N LEU B 60 3.36 -1.97 -39.53
CA LEU B 60 4.24 -1.42 -40.55
C LEU B 60 4.99 -0.17 -40.11
N PRO B 61 4.35 0.86 -39.54
CA PRO B 61 5.12 2.06 -39.15
C PRO B 61 6.15 1.81 -38.07
N THR B 62 6.00 0.77 -37.26
CA THR B 62 6.91 0.56 -36.13
C THR B 62 8.28 0.07 -36.59
N SER B 63 8.33 -0.69 -37.68
CA SER B 63 9.60 -1.25 -38.14
C SER B 63 10.48 -0.25 -38.87
N HIS B 64 9.93 0.89 -39.28
CA HIS B 64 10.69 1.96 -39.96
C HIS B 64 11.37 1.42 -41.22
N THR B 65 10.54 0.95 -42.16
CA THR B 65 11.07 0.37 -43.39
C THR B 65 11.72 1.42 -44.27
N TYR B 66 11.24 2.67 -44.21
CA TYR B 66 11.76 3.74 -45.05
C TYR B 66 13.26 3.95 -44.83
N LEU B 67 13.75 3.71 -43.61
CA LEU B 67 15.18 3.87 -43.34
C LEU B 67 15.99 2.77 -44.03
N GLY B 68 15.57 1.53 -43.89
CA GLY B 68 16.28 0.40 -44.47
C GLY B 68 15.74 -0.94 -44.03
N ALA B 69 16.14 -2.01 -44.72
CA ALA B 69 15.66 -3.34 -44.42
C ALA B 69 16.73 -4.31 -43.96
N ASP B 70 18.01 -4.01 -44.19
CA ASP B 70 19.11 -4.90 -43.84
C ASP B 70 19.94 -4.32 -42.68
N MET B 71 19.27 -3.72 -41.71
CA MET B 71 19.97 -3.13 -40.57
C MET B 71 20.60 -4.22 -39.71
N GLU B 72 21.73 -3.86 -39.08
CA GLU B 72 22.40 -4.75 -38.14
C GLU B 72 21.72 -4.65 -36.79
N GLU B 73 21.15 -5.75 -36.32
CA GLU B 73 20.38 -5.78 -35.09
C GLU B 73 21.21 -6.40 -33.97
N PHE B 74 21.25 -5.72 -32.83
CA PHE B 74 21.92 -6.21 -31.65
C PHE B 74 20.89 -6.56 -30.58
N HIS B 75 20.96 -7.77 -30.05
CA HIS B 75 20.10 -8.20 -28.97
C HIS B 75 20.90 -8.24 -27.68
N GLY B 76 20.41 -7.57 -26.65
CA GLY B 76 21.11 -7.51 -25.39
C GLY B 76 20.54 -6.43 -24.51
N ARG B 77 21.07 -6.37 -23.29
CA ARG B 77 20.64 -5.39 -22.30
C ARG B 77 21.81 -5.03 -21.40
N THR B 78 21.89 -3.76 -21.04
CA THR B 78 22.94 -3.26 -20.15
C THR B 78 22.28 -2.25 -19.22
N LEU B 79 21.84 -2.72 -18.06
CA LEU B 79 21.16 -1.88 -17.08
C LEU B 79 22.15 -1.45 -16.01
N HIS B 80 22.23 -0.14 -15.78
CA HIS B 80 23.14 0.38 -14.77
C HIS B 80 22.58 0.20 -13.37
N ASP B 81 23.47 0.22 -12.39
CA ASP B 81 23.07 0.04 -11.00
C ASP B 81 22.32 1.28 -10.51
N ASP B 82 21.47 1.06 -9.51
CA ASP B 82 20.65 2.14 -8.98
C ASP B 82 21.47 3.12 -8.15
N ASP B 83 21.13 4.40 -8.27
CA ASP B 83 21.83 5.49 -7.58
C ASP B 83 23.33 5.45 -7.86
N SER B 84 23.70 5.22 -9.11
CA SER B 84 25.09 5.10 -9.53
C SER B 84 25.50 6.29 -10.39
N CYS B 85 26.77 6.65 -10.30
CA CYS B 85 27.33 7.74 -11.10
C CYS B 85 28.00 7.16 -12.34
N GLN B 86 27.70 7.74 -13.49
CA GLN B 86 28.17 7.23 -14.77
C GLN B 86 28.49 8.41 -15.69
N VAL B 87 29.34 8.15 -16.68
CA VAL B 87 29.69 9.14 -17.70
C VAL B 87 29.22 8.60 -19.04
N ILE B 88 28.41 9.39 -19.74
CA ILE B 88 27.77 8.94 -20.98
C ILE B 88 27.84 10.05 -22.01
N PRO B 89 28.15 9.74 -23.28
CA PRO B 89 28.15 10.79 -24.31
C PRO B 89 26.76 11.29 -24.64
N VAL B 90 26.69 12.52 -25.13
CA VAL B 90 25.44 13.20 -25.42
C VAL B 90 25.39 13.54 -26.91
N LEU B 91 24.27 13.24 -27.54
CA LEU B 91 24.06 13.61 -28.94
C LEU B 91 23.86 15.12 -29.06
N PRO B 92 24.63 15.81 -29.90
CA PRO B 92 24.58 17.28 -29.89
C PRO B 92 23.39 17.89 -30.62
N GLN B 93 22.73 17.16 -31.52
CA GLN B 93 21.68 17.76 -32.34
C GLN B 93 20.27 17.41 -31.88
N VAL B 94 20.09 16.38 -31.06
CA VAL B 94 18.76 15.94 -30.68
C VAL B 94 18.18 16.89 -29.63
N MET B 95 16.93 17.30 -29.85
CA MET B 95 16.21 18.18 -28.95
C MET B 95 14.85 17.60 -28.59
N MET B 96 14.81 16.29 -28.34
CA MET B 96 13.57 15.60 -28.04
C MET B 96 13.62 15.04 -26.62
N ILE B 97 12.45 14.95 -26.01
CA ILE B 97 12.31 14.38 -24.68
C ILE B 97 11.90 12.92 -24.84
N LEU B 98 12.84 12.02 -24.57
CA LEU B 98 12.60 10.59 -24.77
C LEU B 98 12.10 9.97 -23.47
N ILE B 99 10.97 9.29 -23.57
CA ILE B 99 10.37 8.57 -22.43
C ILE B 99 10.84 7.12 -22.56
N PRO B 100 11.13 6.43 -21.45
CA PRO B 100 11.54 5.03 -21.55
C PRO B 100 10.50 4.20 -22.28
N GLY B 101 10.99 3.34 -23.18
CA GLY B 101 10.12 2.55 -24.04
C GLY B 101 9.84 3.15 -25.40
N GLN B 102 10.22 4.41 -25.63
CA GLN B 102 10.00 5.06 -26.92
C GLN B 102 11.16 4.79 -27.87
N THR B 103 10.83 4.78 -29.17
CA THR B 103 11.80 4.49 -30.22
C THR B 103 12.18 5.79 -30.92
N LEU B 104 13.48 5.95 -31.19
CA LEU B 104 14.01 7.16 -31.79
C LEU B 104 14.83 6.79 -33.02
N PRO B 105 14.43 7.23 -34.21
CA PRO B 105 15.30 7.08 -35.39
C PRO B 105 16.22 8.28 -35.53
N LEU B 106 17.38 8.02 -36.13
CA LEU B 106 18.41 9.05 -36.27
C LEU B 106 19.17 8.86 -37.58
N GLN B 107 19.45 9.97 -38.26
CA GLN B 107 20.36 9.99 -39.39
C GLN B 107 21.49 10.97 -39.06
N LEU B 108 22.73 10.49 -39.18
CA LEU B 108 23.90 11.24 -38.74
C LEU B 108 24.78 11.56 -39.95
N PHE B 109 25.12 12.85 -40.09
CA PHE B 109 25.88 13.34 -41.24
C PHE B 109 27.30 13.76 -40.90
N HIS B 110 27.49 14.50 -39.81
CA HIS B 110 28.80 15.05 -39.49
C HIS B 110 29.77 13.93 -39.10
N PRO B 111 31.06 14.11 -39.42
CA PRO B 111 32.04 13.06 -39.11
C PRO B 111 32.18 12.73 -37.63
N GLN B 112 32.04 13.73 -36.74
CA GLN B 112 32.34 13.46 -35.33
C GLN B 112 31.26 12.62 -34.68
N GLU B 113 29.98 12.86 -34.98
CA GLU B 113 28.96 11.95 -34.45
C GLU B 113 29.07 10.58 -35.07
N VAL B 114 29.50 10.48 -36.33
CA VAL B 114 29.73 9.18 -36.95
C VAL B 114 30.80 8.41 -36.17
N SER B 115 31.92 9.07 -35.88
CA SER B 115 33.00 8.40 -35.16
C SER B 115 32.58 8.06 -33.74
N MET B 116 31.82 8.95 -33.08
CA MET B 116 31.39 8.67 -31.71
C MET B 116 30.40 7.51 -31.66
N VAL B 117 29.49 7.42 -32.63
CA VAL B 117 28.55 6.30 -32.68
C VAL B 117 29.30 5.02 -33.01
N ARG B 118 30.31 5.10 -33.88
CA ARG B 118 31.14 3.93 -34.18
C ARG B 118 31.84 3.43 -32.92
N ASN B 119 32.37 4.36 -32.12
CA ASN B 119 33.01 3.98 -30.86
C ASN B 119 32.00 3.39 -29.89
N LEU B 120 30.77 3.93 -29.87
CA LEU B 120 29.74 3.45 -28.97
C LEU B 120 29.27 2.04 -29.31
N ILE B 121 29.55 1.55 -30.52
CA ILE B 121 28.97 0.29 -30.98
C ILE B 121 29.44 -0.87 -30.12
N GLN B 122 30.72 -0.90 -29.76
CA GLN B 122 31.22 -1.96 -28.89
C GLN B 122 31.27 -1.55 -27.43
N LYS B 123 31.13 -0.27 -27.11
CA LYS B 123 31.09 0.19 -25.72
C LYS B 123 29.65 0.41 -25.28
N ASP B 124 28.95 -0.72 -25.12
CA ASP B 124 27.64 -0.88 -24.46
C ASP B 124 26.50 -0.12 -25.14
N ARG B 125 26.76 0.56 -26.26
CA ARG B 125 25.72 1.14 -27.10
C ARG B 125 24.74 2.03 -26.33
N THR B 126 25.27 2.90 -25.48
CA THR B 126 24.45 3.77 -24.66
C THR B 126 24.87 5.22 -24.85
N PHE B 127 23.90 6.09 -25.14
CA PHE B 127 24.12 7.53 -25.17
C PHE B 127 22.97 8.20 -24.45
N ALA B 128 23.18 9.46 -24.07
CA ALA B 128 22.25 10.19 -23.22
C ALA B 128 21.50 11.25 -24.03
N VAL B 129 20.20 11.35 -23.78
CA VAL B 129 19.36 12.38 -24.36
C VAL B 129 18.96 13.33 -23.24
N LEU B 130 19.25 14.62 -23.43
CA LEU B 130 19.05 15.62 -22.39
C LEU B 130 17.72 16.34 -22.63
N ALA B 131 16.90 16.41 -21.58
CA ALA B 131 15.62 17.11 -21.63
C ALA B 131 15.88 18.58 -21.30
N TYR B 132 15.88 19.42 -22.35
CA TYR B 132 16.20 20.83 -22.18
C TYR B 132 14.97 21.58 -21.68
N SER B 133 15.09 22.22 -20.51
CA SER B 133 13.99 23.02 -20.00
C SER B 133 13.68 24.18 -20.94
N ASN B 134 14.71 24.96 -21.29
CA ASN B 134 14.64 25.94 -22.36
C ASN B 134 15.78 25.65 -23.33
N VAL B 135 15.44 25.40 -24.59
CA VAL B 135 16.41 24.86 -25.53
C VAL B 135 17.47 25.89 -25.91
N GLN B 136 17.22 27.18 -25.67
CA GLN B 136 18.13 28.21 -26.13
C GLN B 136 19.48 28.13 -25.43
N GLU B 137 19.47 28.03 -24.10
CA GLU B 137 20.71 28.08 -23.33
C GLU B 137 21.30 26.70 -23.05
N ARG B 138 20.66 25.63 -23.52
CA ARG B 138 21.19 24.27 -23.37
C ARG B 138 21.44 23.91 -21.90
N GLU B 139 20.45 24.15 -21.05
CA GLU B 139 20.53 23.78 -19.65
C GLU B 139 19.51 22.69 -19.37
N ALA B 140 19.95 21.60 -18.76
CA ALA B 140 19.09 20.46 -18.47
C ALA B 140 19.45 19.87 -17.12
N GLN B 141 18.43 19.50 -16.34
CA GLN B 141 18.65 18.87 -15.05
C GLN B 141 18.29 17.39 -15.03
N PHE B 142 17.53 16.91 -16.00
CA PHE B 142 17.15 15.51 -16.10
C PHE B 142 17.30 15.03 -17.53
N GLY B 143 17.39 13.71 -17.69
CA GLY B 143 17.54 13.14 -19.00
C GLY B 143 17.19 11.66 -19.01
N THR B 144 17.48 11.02 -20.13
CA THR B 144 17.17 9.61 -20.32
C THR B 144 18.31 8.92 -21.06
N THR B 145 18.42 7.61 -20.85
CA THR B 145 19.46 6.79 -21.44
C THR B 145 18.88 6.00 -22.60
N ALA B 146 19.53 6.09 -23.76
CA ALA B 146 19.05 5.46 -24.98
C ALA B 146 20.00 4.34 -25.39
N GLU B 147 19.44 3.19 -25.76
CA GLU B 147 20.20 2.04 -26.20
C GLU B 147 20.02 1.82 -27.69
N ILE B 148 21.11 1.51 -28.37
CA ILE B 148 21.10 1.31 -29.82
C ILE B 148 20.79 -0.16 -30.11
N TYR B 149 19.81 -0.41 -30.97
CA TYR B 149 19.47 -1.77 -31.37
C TYR B 149 19.49 -2.00 -32.87
N ALA B 150 19.75 -0.97 -33.68
CA ALA B 150 19.84 -1.14 -35.13
C ALA B 150 20.73 -0.05 -35.69
N TYR B 151 21.65 -0.43 -36.57
CA TYR B 151 22.59 0.53 -37.12
C TYR B 151 23.11 0.02 -38.47
N ARG B 152 23.49 0.95 -39.34
CA ARG B 152 23.95 0.64 -40.69
C ARG B 152 24.63 1.88 -41.26
N GLU B 153 25.68 1.66 -42.06
CA GLU B 153 26.44 2.75 -42.65
C GLU B 153 26.37 2.69 -44.17
N GLU B 154 26.23 3.86 -44.79
CA GLU B 154 26.16 4.00 -46.23
C GLU B 154 27.24 4.96 -46.70
N GLN B 155 27.56 4.87 -48.00
CA GLN B 155 28.61 5.68 -48.60
C GLN B 155 28.08 6.46 -49.80
N ASP B 156 26.79 6.77 -49.80
CA ASP B 156 26.20 7.52 -50.89
C ASP B 156 26.69 8.96 -50.91
N PHE B 157 26.70 9.55 -52.11
CA PHE B 157 27.09 10.94 -52.34
C PHE B 157 28.52 11.23 -51.90
N GLY B 158 29.36 10.20 -51.78
CA GLY B 158 30.75 10.39 -51.44
C GLY B 158 31.02 10.71 -49.99
N ILE B 159 30.02 10.65 -49.12
CA ILE B 159 30.21 10.88 -47.70
C ILE B 159 29.56 9.74 -46.92
N GLU B 160 30.02 9.55 -45.69
CA GLU B 160 29.53 8.45 -44.86
C GLU B 160 28.32 8.89 -44.05
N ILE B 161 27.31 8.02 -44.01
CA ILE B 161 26.06 8.28 -43.30
C ILE B 161 25.75 7.07 -42.44
N VAL B 162 25.38 7.31 -41.18
CA VAL B 162 25.03 6.26 -40.25
C VAL B 162 23.58 6.43 -39.84
N LYS B 163 22.80 5.37 -39.95
CA LYS B 163 21.39 5.36 -39.55
C LYS B 163 21.26 4.51 -38.29
N VAL B 164 20.65 5.08 -37.25
CA VAL B 164 20.57 4.45 -35.94
C VAL B 164 19.13 4.46 -35.46
N LYS B 165 18.71 3.36 -34.83
CA LYS B 165 17.43 3.27 -34.14
C LYS B 165 17.70 2.95 -32.67
N ALA B 166 17.07 3.71 -31.78
CA ALA B 166 17.35 3.62 -30.35
C ALA B 166 16.05 3.54 -29.56
N ILE B 167 16.14 3.04 -28.34
CA ILE B 167 15.00 2.91 -27.45
C ILE B 167 15.40 3.41 -26.06
N GLY B 168 14.49 4.14 -25.42
CA GLY B 168 14.78 4.68 -24.10
C GLY B 168 14.74 3.59 -23.02
N ARG B 169 15.69 3.68 -22.09
CA ARG B 169 15.88 2.65 -21.07
C ARG B 169 15.69 3.16 -19.65
N GLN B 170 16.39 4.22 -19.26
CA GLN B 170 16.43 4.63 -17.87
C GLN B 170 16.42 6.15 -17.76
N ARG B 171 16.07 6.64 -16.58
CA ARG B 171 16.08 8.07 -16.27
C ARG B 171 17.29 8.40 -15.42
N PHE B 172 17.72 9.66 -15.46
CA PHE B 172 18.86 10.09 -14.66
C PHE B 172 18.77 11.58 -14.36
N LYS B 173 19.69 12.03 -13.51
CA LYS B 173 19.81 13.43 -13.11
C LYS B 173 21.17 13.96 -13.54
N VAL B 174 21.17 15.19 -14.06
CA VAL B 174 22.38 15.79 -14.61
C VAL B 174 23.19 16.42 -13.50
N LEU B 175 24.45 15.99 -13.36
CA LEU B 175 25.34 16.50 -12.33
C LEU B 175 26.35 17.51 -12.89
N GLU B 176 27.14 17.10 -13.87
CA GLU B 176 28.20 17.93 -14.43
C GLU B 176 28.20 17.79 -15.93
N LEU B 177 28.16 18.94 -16.64
CA LEU B 177 28.08 18.94 -18.10
C LEU B 177 29.48 19.18 -18.68
N ARG B 178 30.29 18.13 -18.64
CA ARG B 178 31.64 18.19 -19.19
C ARG B 178 31.58 18.26 -20.71
N THR B 179 32.52 19.02 -21.30
CA THR B 179 32.62 19.16 -22.74
C THR B 179 34.00 18.70 -23.20
N GLN B 180 34.02 17.93 -24.28
CA GLN B 180 35.26 17.39 -24.81
C GLN B 180 35.85 18.31 -25.87
N SER B 181 37.06 17.97 -26.35
CA SER B 181 37.71 18.77 -27.36
C SER B 181 37.07 18.60 -28.74
N ASP B 182 36.48 17.44 -29.01
CA ASP B 182 35.93 17.14 -30.34
C ASP B 182 34.46 17.50 -30.49
N GLY B 183 33.88 18.23 -29.53
CA GLY B 183 32.51 18.70 -29.65
C GLY B 183 31.45 17.77 -29.12
N ILE B 184 31.81 16.63 -28.55
CA ILE B 184 30.85 15.70 -27.95
C ILE B 184 30.84 15.95 -26.45
N GLN B 185 29.65 16.17 -25.90
CA GLN B 185 29.52 16.44 -24.48
C GLN B 185 29.49 15.14 -23.69
N GLN B 186 30.26 15.10 -22.60
CA GLN B 186 30.25 13.99 -21.65
C GLN B 186 29.53 14.46 -20.40
N ALA B 187 28.57 13.66 -19.93
CA ALA B 187 27.70 14.06 -18.84
C ALA B 187 27.90 13.16 -17.62
N LYS B 188 28.02 13.77 -16.45
CA LYS B 188 28.01 13.05 -15.19
C LYS B 188 26.55 12.77 -14.82
N VAL B 189 26.23 11.51 -14.59
CA VAL B 189 24.85 11.02 -14.59
C VAL B 189 24.61 10.21 -13.33
N GLN B 190 23.49 10.49 -12.66
CA GLN B 190 23.05 9.71 -11.51
C GLN B 190 21.77 8.99 -11.88
N ILE B 191 21.77 7.67 -11.82
CA ILE B 191 20.66 6.86 -12.33
C ILE B 191 19.53 6.86 -11.31
N LEU B 192 18.38 7.39 -11.70
CA LEU B 192 17.23 7.46 -10.81
C LEU B 192 16.58 6.09 -10.68
N PRO B 193 15.91 5.81 -9.56
CA PRO B 193 15.29 4.50 -9.36
C PRO B 193 13.85 4.44 -9.81
N GLU B 194 13.41 3.22 -10.10
CA GLU B 194 12.00 2.92 -10.33
C GLU B 194 11.42 2.39 -9.03
N CYS B 195 10.46 3.10 -8.47
CA CYS B 195 9.89 2.75 -7.18
C CYS B 195 8.71 1.81 -7.38
N VAL B 196 8.88 0.57 -6.93
CA VAL B 196 7.81 -0.43 -7.00
C VAL B 196 7.22 -0.54 -5.59
N LEU B 197 5.98 -0.11 -5.44
CA LEU B 197 5.45 -0.18 -4.09
C LEU B 197 4.50 -1.36 -3.95
N PRO B 198 4.50 -2.03 -2.81
CA PRO B 198 3.56 -3.15 -2.61
C PRO B 198 2.12 -2.66 -2.47
N SER B 199 1.20 -3.59 -2.27
CA SER B 199 -0.20 -3.22 -2.06
C SER B 199 -0.35 -2.45 -0.76
N THR B 200 -1.30 -1.52 -0.74
CA THR B 200 -1.53 -0.72 0.45
C THR B 200 -2.00 -1.57 1.61
N MET B 201 -2.63 -2.70 1.34
CA MET B 201 -3.12 -3.60 2.37
C MET B 201 -2.07 -4.57 2.89
N SER B 202 -0.87 -4.59 2.29
CA SER B 202 0.16 -5.51 2.72
C SER B 202 0.65 -5.20 4.13
N ALA B 203 0.42 -3.98 4.63
CA ALA B 203 0.81 -3.61 5.98
C ALA B 203 -0.28 -3.84 7.01
N VAL B 204 -1.50 -4.16 6.60
CA VAL B 204 -2.61 -4.29 7.53
C VAL B 204 -3.38 -5.59 7.40
N GLN B 205 -3.22 -6.35 6.32
CA GLN B 205 -4.15 -7.43 6.01
C GLN B 205 -4.13 -8.53 7.06
N LEU B 206 -5.30 -9.08 7.34
CA LEU B 206 -5.41 -10.25 8.20
C LEU B 206 -4.87 -11.49 7.49
N GLU B 207 -4.22 -12.37 8.25
CA GLU B 207 -3.66 -13.57 7.67
C GLU B 207 -4.75 -14.55 7.24
N SER B 208 -5.86 -14.60 7.99
CA SER B 208 -6.95 -15.51 7.62
C SER B 208 -7.59 -15.11 6.30
N LEU B 209 -7.50 -13.83 5.94
CA LEU B 209 -8.06 -13.34 4.69
C LEU B 209 -7.06 -13.38 3.54
N ASN B 210 -5.85 -13.89 3.78
CA ASN B 210 -4.84 -13.94 2.73
C ASN B 210 -5.23 -14.89 1.61
N LYS B 211 -5.97 -15.96 1.92
CA LYS B 211 -6.36 -16.90 0.88
C LYS B 211 -7.44 -16.32 -0.04
N CYS B 212 -8.24 -15.40 0.48
CA CYS B 212 -9.30 -14.77 -0.31
C CYS B 212 -8.81 -13.56 -1.10
N GLN B 213 -7.52 -13.21 -0.99
CA GLN B 213 -7.00 -12.05 -1.68
C GLN B 213 -6.85 -12.27 -3.18
N ILE B 214 -6.91 -13.52 -3.63
CA ILE B 214 -6.78 -13.83 -5.06
C ILE B 214 -8.17 -13.97 -5.65
N PHE B 215 -8.42 -13.26 -6.72
CA PHE B 215 -9.73 -13.21 -7.36
C PHE B 215 -9.80 -14.14 -8.54
N PRO B 216 -10.99 -14.64 -8.87
CA PRO B 216 -11.18 -15.30 -10.17
C PRO B 216 -10.98 -14.30 -11.30
N SER B 217 -10.60 -14.84 -12.46
CA SER B 217 -10.23 -14.00 -13.59
C SER B 217 -11.37 -13.07 -13.96
N LYS B 218 -11.00 -11.94 -14.56
CA LYS B 218 -11.96 -10.92 -14.95
C LYS B 218 -12.98 -11.54 -15.90
N PRO B 219 -14.29 -11.27 -15.68
CA PRO B 219 -15.41 -11.88 -16.41
C PRO B 219 -15.28 -11.87 -17.92
N VAL B 220 -16.12 -12.63 -18.60
CA VAL B 220 -16.06 -12.81 -20.04
C VAL B 220 -15.86 -11.48 -20.76
N SER B 221 -14.87 -11.45 -21.65
CA SER B 221 -14.37 -10.23 -22.26
C SER B 221 -15.47 -9.36 -22.86
N ARG B 222 -15.67 -8.18 -22.29
CA ARG B 222 -16.56 -7.20 -22.89
C ARG B 222 -15.82 -6.39 -23.95
N GLU B 223 -16.60 -5.68 -24.77
CA GLU B 223 -16.05 -4.95 -25.90
C GLU B 223 -16.28 -3.44 -25.84
N ASP B 224 -17.40 -3.03 -25.25
CA ASP B 224 -17.71 -1.58 -25.11
C ASP B 224 -18.46 -1.37 -23.79
N GLN B 225 -18.45 -0.14 -23.25
CA GLN B 225 -19.17 0.20 -21.98
C GLN B 225 -18.51 -0.53 -20.79
N CYS B 226 -18.30 -1.85 -20.90
CA CYS B 226 -17.64 -2.65 -19.82
C CYS B 226 -18.48 -2.64 -18.53
N SER B 227 -19.72 -3.12 -18.59
CA SER B 227 -20.52 -3.25 -17.33
C SER B 227 -19.66 -4.04 -16.35
N TYR B 228 -19.51 -3.58 -15.11
CA TYR B 228 -18.57 -4.27 -14.25
C TYR B 228 -19.26 -5.25 -13.32
N LYS B 229 -19.95 -4.75 -12.29
CA LYS B 229 -20.51 -5.67 -11.25
C LYS B 229 -19.33 -6.51 -10.77
N TRP B 230 -18.11 -6.16 -11.21
CA TRP B 230 -16.89 -6.89 -10.80
C TRP B 230 -15.94 -5.92 -10.10
N TRP B 231 -15.70 -4.75 -10.71
CA TRP B 231 -14.89 -3.76 -10.03
C TRP B 231 -15.46 -3.45 -8.66
N GLN B 232 -16.78 -3.51 -8.51
CA GLN B 232 -17.39 -3.39 -7.18
C GLN B 232 -17.01 -4.56 -6.30
N LYS B 233 -17.13 -5.80 -6.81
CA LYS B 233 -16.70 -6.95 -6.02
C LYS B 233 -15.21 -6.88 -5.69
N TYR B 234 -14.40 -6.43 -6.65
CA TYR B 234 -12.96 -6.31 -6.46
C TYR B 234 -12.62 -5.29 -5.38
N GLN B 235 -13.31 -4.15 -5.39
CA GLN B 235 -13.12 -3.16 -4.33
C GLN B 235 -13.54 -3.72 -2.98
N LYS B 236 -14.66 -4.44 -2.93
CA LYS B 236 -15.13 -4.98 -1.66
C LYS B 236 -14.16 -6.01 -1.10
N ARG B 237 -13.56 -6.83 -1.97
CA ARG B 237 -12.75 -7.93 -1.47
C ARG B 237 -11.28 -7.56 -1.27
N LYS B 238 -10.71 -6.73 -2.14
CA LYS B 238 -9.29 -6.41 -2.02
C LYS B 238 -9.02 -5.48 -0.85
N PHE B 239 -9.85 -4.45 -0.68
CA PHE B 239 -9.67 -3.47 0.39
C PHE B 239 -10.62 -3.71 1.55
N HIS B 240 -10.94 -4.97 1.83
CA HIS B 240 -11.81 -5.27 2.95
C HIS B 240 -11.16 -4.93 4.29
N CYS B 241 -9.83 -4.93 4.34
CA CYS B 241 -9.09 -4.60 5.55
C CYS B 241 -9.04 -3.10 5.80
N ALA B 242 -9.80 -2.30 5.06
CA ALA B 242 -9.77 -0.85 5.22
C ALA B 242 -10.48 -0.37 6.47
N ASN B 243 -11.37 -1.19 7.06
CA ASN B 243 -11.99 -0.80 8.32
C ASN B 243 -11.05 -0.92 9.50
N LEU B 244 -9.88 -1.54 9.31
CA LEU B 244 -8.85 -1.55 10.35
C LEU B 244 -8.06 -0.25 10.40
N THR B 245 -8.25 0.64 9.43
CA THR B 245 -7.55 1.90 9.34
C THR B 245 -8.55 3.05 9.45
N SER B 246 -8.07 4.26 9.23
CA SER B 246 -8.88 5.46 9.35
C SER B 246 -9.47 5.91 8.01
N TRP B 247 -9.31 5.14 6.95
CA TRP B 247 -9.69 5.60 5.62
C TRP B 247 -10.64 4.62 4.95
N PRO B 248 -11.52 5.12 4.08
CA PRO B 248 -12.50 4.25 3.43
C PRO B 248 -11.91 3.48 2.25
N ARG B 249 -12.79 2.69 1.61
CA ARG B 249 -12.36 1.80 0.54
C ARG B 249 -12.03 2.57 -0.74
N TRP B 250 -12.84 3.57 -1.09
CA TRP B 250 -12.63 4.30 -2.33
C TRP B 250 -11.34 5.12 -2.32
N LEU B 251 -10.92 5.62 -1.14
CA LEU B 251 -9.64 6.31 -1.08
C LEU B 251 -8.49 5.37 -1.41
N TYR B 252 -8.53 4.14 -0.89
CA TYR B 252 -7.53 3.15 -1.25
C TYR B 252 -7.65 2.72 -2.71
N SER B 253 -8.85 2.77 -3.29
CA SER B 253 -8.98 2.53 -4.72
C SER B 253 -8.31 3.63 -5.54
N LEU B 254 -8.35 4.86 -5.04
CA LEU B 254 -7.69 5.97 -5.73
C LEU B 254 -6.18 5.82 -5.80
N TYR B 255 -5.60 4.91 -5.00
CA TYR B 255 -4.16 4.64 -5.04
C TYR B 255 -3.85 3.21 -5.47
N ASP B 256 -4.76 2.59 -6.21
CA ASP B 256 -4.57 1.23 -6.70
C ASP B 256 -4.21 1.26 -8.18
N ALA B 257 -3.13 0.55 -8.54
CA ALA B 257 -2.61 0.62 -9.90
C ALA B 257 -3.60 0.04 -10.90
N GLU B 258 -4.24 -1.10 -10.56
CA GLU B 258 -5.14 -1.74 -11.51
C GLU B 258 -6.34 -0.86 -11.82
N THR B 259 -6.94 -0.25 -10.80
CA THR B 259 -8.10 0.60 -11.02
C THR B 259 -7.73 1.85 -11.83
N LEU B 260 -6.58 2.44 -11.54
CA LEU B 260 -6.13 3.61 -12.31
C LEU B 260 -5.89 3.23 -13.77
N MET B 261 -5.28 2.07 -14.01
CA MET B 261 -5.06 1.62 -15.37
C MET B 261 -6.39 1.37 -16.10
N ASP B 262 -7.36 0.79 -15.40
CA ASP B 262 -8.67 0.57 -16.01
C ASP B 262 -9.35 1.89 -16.36
N ARG B 263 -9.27 2.88 -15.47
CA ARG B 263 -9.85 4.19 -15.75
C ARG B 263 -9.18 4.84 -16.95
N ILE B 264 -7.85 4.76 -17.02
CA ILE B 264 -7.12 5.33 -18.15
C ILE B 264 -7.51 4.61 -19.45
N LYS B 265 -7.64 3.28 -19.40
CA LYS B 265 -8.04 2.52 -20.57
C LYS B 265 -9.43 2.91 -21.04
N LYS B 266 -10.35 3.11 -20.10
CA LYS B 266 -11.70 3.55 -20.47
C LYS B 266 -11.67 4.92 -21.14
N GLN B 267 -10.91 5.85 -20.57
CA GLN B 267 -10.84 7.18 -21.16
C GLN B 267 -10.18 7.17 -22.54
N LEU B 268 -9.17 6.31 -22.73
CA LEU B 268 -8.54 6.20 -24.03
C LEU B 268 -9.48 5.55 -25.05
N ARG B 269 -10.20 4.51 -24.64
CA ARG B 269 -11.15 3.84 -25.53
C ARG B 269 -12.32 4.76 -25.89
N GLU B 270 -12.58 5.77 -25.05
CA GLU B 270 -13.61 6.74 -25.38
C GLU B 270 -13.28 7.47 -26.69
N TRP B 271 -12.03 7.84 -26.89
CA TRP B 271 -11.64 8.59 -28.07
C TRP B 271 -11.33 7.71 -29.28
N ASP B 272 -10.66 6.59 -29.09
CA ASP B 272 -10.38 5.66 -30.17
C ASP B 272 -11.03 4.33 -29.84
N GLU B 273 -12.00 3.93 -30.67
CA GLU B 273 -12.83 2.78 -30.36
C GLU B 273 -12.22 1.45 -30.80
N ASN B 274 -11.05 1.48 -31.42
CA ASN B 274 -10.41 0.26 -31.92
C ASN B 274 -9.38 -0.30 -30.95
N LEU B 275 -9.23 0.27 -29.76
CA LEU B 275 -8.33 -0.28 -28.77
C LEU B 275 -8.81 -1.67 -28.31
N LYS B 276 -7.85 -2.54 -28.07
CA LYS B 276 -8.10 -3.82 -27.44
C LYS B 276 -7.32 -3.89 -26.13
N ASP B 277 -7.82 -4.70 -25.20
CA ASP B 277 -7.21 -4.76 -23.87
C ASP B 277 -5.78 -5.25 -23.91
N ASP B 278 -5.43 -6.04 -24.93
CA ASP B 278 -4.07 -6.58 -25.04
C ASP B 278 -3.13 -5.70 -25.84
N SER B 279 -3.60 -4.56 -26.34
CA SER B 279 -2.72 -3.65 -27.06
C SER B 279 -1.84 -2.86 -26.10
N LEU B 280 -2.36 -2.53 -24.90
CA LEU B 280 -1.61 -1.83 -23.88
C LEU B 280 -0.85 -2.80 -22.99
N PRO B 281 0.28 -2.37 -22.41
CA PRO B 281 1.04 -3.25 -21.53
C PRO B 281 0.29 -3.56 -20.25
N SER B 282 0.61 -4.71 -19.66
CA SER B 282 -0.01 -5.16 -18.42
C SER B 282 0.81 -4.79 -17.18
N ASN B 283 1.95 -4.13 -17.36
CA ASN B 283 2.75 -3.69 -16.23
C ASN B 283 2.53 -2.22 -15.94
N PRO B 284 2.35 -1.84 -14.67
CA PRO B 284 2.06 -0.43 -14.37
C PRO B 284 3.12 0.55 -14.86
N ILE B 285 4.39 0.20 -14.75
CA ILE B 285 5.45 1.12 -15.16
C ILE B 285 5.45 1.31 -16.67
N ASP B 286 5.40 0.20 -17.42
CA ASP B 286 5.37 0.29 -18.87
C ASP B 286 4.10 0.99 -19.35
N PHE B 287 2.97 0.69 -18.71
CA PHE B 287 1.72 1.34 -19.07
C PHE B 287 1.79 2.85 -18.84
N SER B 288 2.35 3.26 -17.69
CA SER B 288 2.46 4.69 -17.40
C SER B 288 3.39 5.38 -18.39
N TYR B 289 4.51 4.75 -18.72
CA TYR B 289 5.41 5.36 -19.70
C TYR B 289 4.75 5.48 -21.07
N ARG B 290 4.05 4.43 -21.51
CA ARG B 290 3.36 4.48 -22.80
C ARG B 290 2.30 5.57 -22.82
N VAL B 291 1.53 5.69 -21.73
CA VAL B 291 0.49 6.71 -21.66
C VAL B 291 1.09 8.11 -21.67
N ALA B 292 2.18 8.32 -20.91
CA ALA B 292 2.85 9.62 -20.92
C ALA B 292 3.38 9.95 -22.31
N ALA B 293 3.85 8.94 -23.04
CA ALA B 293 4.32 9.17 -24.40
C ALA B 293 3.17 9.55 -25.33
N CYS B 294 2.01 8.90 -25.16
CA CYS B 294 0.91 9.09 -26.10
C CYS B 294 0.08 10.36 -25.84
N LEU B 295 0.30 11.05 -24.71
CA LEU B 295 -0.54 12.19 -24.38
C LEU B 295 -0.08 13.44 -25.14
N PRO B 296 -1.02 14.21 -25.69
CA PRO B 296 -0.68 15.49 -26.35
C PRO B 296 -0.51 16.64 -25.36
N ILE B 297 0.69 16.72 -24.78
CA ILE B 297 1.01 17.72 -23.77
C ILE B 297 2.29 18.44 -24.18
N ASP B 298 2.51 19.60 -23.57
CA ASP B 298 3.68 20.41 -23.87
C ASP B 298 4.86 19.95 -23.04
N ASP B 299 6.00 20.62 -23.21
CA ASP B 299 7.27 20.08 -22.73
C ASP B 299 7.36 20.10 -21.20
N VAL B 300 6.80 21.12 -20.55
CA VAL B 300 6.90 21.21 -19.10
C VAL B 300 6.14 20.07 -18.43
N LEU B 301 4.97 19.72 -18.97
CA LEU B 301 4.20 18.61 -18.42
C LEU B 301 4.94 17.29 -18.61
N ARG B 302 5.59 17.10 -19.76
CA ARG B 302 6.36 15.88 -19.98
C ARG B 302 7.54 15.80 -19.03
N ILE B 303 8.22 16.92 -18.79
CA ILE B 303 9.32 16.93 -17.82
C ILE B 303 8.81 16.59 -16.44
N GLN B 304 7.67 17.17 -16.05
CA GLN B 304 7.08 16.88 -14.75
C GLN B 304 6.73 15.40 -14.61
N LEU B 305 6.19 14.81 -15.67
CA LEU B 305 5.90 13.38 -15.65
C LEU B 305 7.17 12.55 -15.55
N LEU B 306 8.25 13.00 -16.20
CA LEU B 306 9.52 12.28 -16.11
C LEU B 306 10.17 12.43 -14.75
N LYS B 307 9.85 13.49 -14.00
CA LYS B 307 10.43 13.69 -12.67
C LYS B 307 9.86 12.75 -11.62
N ILE B 308 8.79 12.02 -11.92
CA ILE B 308 8.11 11.19 -10.95
C ILE B 308 8.74 9.80 -10.94
N GLY B 309 9.06 9.30 -9.74
CA GLY B 309 9.71 8.02 -9.60
C GLY B 309 8.78 6.84 -9.41
N SER B 310 7.56 7.09 -8.98
CA SER B 310 6.59 6.04 -8.70
C SER B 310 5.58 5.94 -9.83
N ALA B 311 5.18 4.70 -10.14
CA ALA B 311 4.22 4.49 -11.23
C ALA B 311 2.81 4.93 -10.84
N ILE B 312 2.44 4.79 -9.56
CA ILE B 312 1.11 5.19 -9.12
C ILE B 312 0.94 6.70 -9.24
N GLN B 313 1.94 7.46 -8.81
CA GLN B 313 1.88 8.91 -8.94
C GLN B 313 1.82 9.32 -10.41
N ARG B 314 2.57 8.63 -11.26
CA ARG B 314 2.53 8.92 -12.69
C ARG B 314 1.14 8.66 -13.27
N LEU B 315 0.52 7.55 -12.86
CA LEU B 315 -0.83 7.25 -13.35
C LEU B 315 -1.83 8.30 -12.88
N ARG B 316 -1.74 8.72 -11.62
CA ARG B 316 -2.64 9.74 -11.11
C ARG B 316 -2.46 11.06 -11.85
N CYS B 317 -1.21 11.45 -12.09
CA CYS B 317 -0.95 12.68 -12.84
C CYS B 317 -1.48 12.58 -14.27
N GLU B 318 -1.32 11.40 -14.90
CA GLU B 318 -1.82 11.23 -16.25
C GLU B 318 -3.35 11.32 -16.29
N LEU B 319 -4.03 10.75 -15.30
CA LEU B 319 -5.48 10.88 -15.24
C LEU B 319 -5.89 12.34 -15.07
N ASP B 320 -5.18 13.07 -14.20
CA ASP B 320 -5.47 14.48 -14.02
C ASP B 320 -5.27 15.26 -15.31
N ILE B 321 -4.21 14.94 -16.06
CA ILE B 321 -3.95 15.59 -17.33
C ILE B 321 -5.06 15.29 -18.33
N MET B 322 -5.51 14.04 -18.37
CA MET B 322 -6.57 13.65 -19.31
C MET B 322 -7.89 14.34 -18.98
N ASN B 323 -8.17 14.55 -17.70
CA ASN B 323 -9.48 15.09 -17.31
C ASN B 323 -9.70 16.49 -17.88
N LYS B 324 -8.68 17.33 -17.86
CA LYS B 324 -8.82 18.70 -18.34
C LYS B 324 -8.83 18.72 -19.86
N CYS B 325 -9.89 19.28 -20.44
CA CYS B 325 -10.05 19.28 -21.88
C CYS B 325 -8.98 20.14 -22.56
N THR B 326 -8.54 19.68 -23.73
CA THR B 326 -7.52 20.36 -24.51
C THR B 326 -7.99 20.53 -25.94
N SER B 327 -7.55 21.62 -26.57
CA SER B 327 -7.73 21.86 -27.99
C SER B 327 -6.41 22.30 -28.57
N LEU B 328 -6.00 21.69 -29.68
CA LEU B 328 -4.71 21.95 -30.29
C LEU B 328 -4.84 23.11 -31.29
N CYS B 329 -4.03 24.14 -31.10
CA CYS B 329 -4.07 25.34 -31.91
C CYS B 329 -2.71 25.60 -32.53
N CYS B 330 -2.70 26.43 -33.56
CA CYS B 330 -1.45 26.85 -34.18
C CYS B 330 -0.64 27.71 -33.21
N LYS B 331 0.66 27.43 -33.13
CA LYS B 331 1.50 28.11 -32.14
C LYS B 331 1.81 29.54 -32.54
N GLN B 332 1.96 29.83 -33.84
CA GLN B 332 2.33 31.18 -34.26
C GLN B 332 1.17 32.16 -34.10
N CYS B 333 -0.03 31.75 -34.50
CA CYS B 333 -1.19 32.63 -34.38
C CYS B 333 -1.83 32.58 -32.99
N GLN B 334 -1.93 31.39 -32.41
CA GLN B 334 -2.59 31.16 -31.12
C GLN B 334 -4.06 31.56 -31.15
N GLU B 335 -4.67 31.62 -32.33
CA GLU B 335 -6.07 32.01 -32.45
C GLU B 335 -6.86 31.16 -33.44
N THR B 336 -6.25 30.16 -34.08
CA THR B 336 -6.93 29.31 -35.04
C THR B 336 -6.85 27.87 -34.56
N GLU B 337 -8.01 27.21 -34.48
CA GLU B 337 -8.08 25.85 -33.98
C GLU B 337 -7.75 24.87 -35.11
N ILE B 338 -6.89 23.91 -34.82
CA ILE B 338 -6.51 22.88 -35.78
C ILE B 338 -7.32 21.61 -35.58
N THR B 339 -7.29 21.05 -34.37
CA THR B 339 -8.01 19.81 -34.11
C THR B 339 -8.28 19.71 -32.61
N THR B 340 -9.17 18.81 -32.26
CA THR B 340 -9.52 18.51 -30.88
C THR B 340 -9.06 17.10 -30.52
N LYS B 341 -9.11 16.79 -29.23
CA LYS B 341 -8.69 15.48 -28.75
C LYS B 341 -9.59 14.36 -29.26
N ASN B 342 -10.82 14.68 -29.65
CA ASN B 342 -11.75 13.63 -30.08
C ASN B 342 -11.31 12.98 -31.38
N GLU B 343 -10.59 13.71 -32.23
CA GLU B 343 -10.17 13.19 -33.53
C GLU B 343 -8.83 12.47 -33.48
N ILE B 344 -8.23 12.33 -32.30
CA ILE B 344 -6.95 11.65 -32.17
C ILE B 344 -7.19 10.14 -32.23
N PHE B 345 -6.49 9.47 -33.14
CA PHE B 345 -6.64 8.03 -33.32
C PHE B 345 -5.28 7.44 -33.64
N SER B 346 -5.15 6.13 -33.42
CA SER B 346 -3.87 5.43 -33.44
C SER B 346 -3.78 4.55 -34.68
N LEU B 347 -3.02 5.01 -35.68
CA LEU B 347 -2.72 4.22 -36.85
C LEU B 347 -1.47 3.35 -36.67
N SER B 348 -0.73 3.53 -35.59
CA SER B 348 0.49 2.79 -35.32
C SER B 348 0.33 1.99 -34.04
N LEU B 349 1.10 0.90 -33.94
CA LEU B 349 1.05 0.04 -32.77
C LEU B 349 1.51 0.76 -31.51
N CYS B 350 2.20 1.89 -31.64
CA CYS B 350 2.78 2.60 -30.51
C CYS B 350 2.08 3.95 -30.28
N GLY B 351 0.75 3.97 -30.41
CA GLY B 351 -0.01 5.14 -30.08
C GLY B 351 -0.14 6.14 -31.22
N PRO B 352 -0.90 7.21 -31.00
CA PRO B 352 -1.11 8.21 -32.04
C PRO B 352 0.00 9.24 -32.18
N MET B 353 1.15 9.02 -31.56
CA MET B 353 2.26 9.96 -31.64
C MET B 353 3.57 9.19 -31.64
N ALA B 354 4.44 9.48 -32.61
CA ALA B 354 5.67 8.73 -32.77
C ALA B 354 6.73 9.64 -33.37
N ALA B 355 7.98 9.16 -33.32
CA ALA B 355 9.13 9.90 -33.80
C ALA B 355 9.62 9.28 -35.11
N TYR B 356 9.77 10.12 -36.13
CA TYR B 356 10.23 9.70 -37.45
C TYR B 356 11.30 10.66 -37.95
N VAL B 357 12.11 10.17 -38.90
CA VAL B 357 13.23 10.91 -39.45
C VAL B 357 12.97 11.16 -40.93
N ASN B 358 13.12 12.41 -41.34
CA ASN B 358 12.95 12.81 -42.74
C ASN B 358 14.25 12.59 -43.49
N PRO B 359 14.25 12.74 -44.83
CA PRO B 359 15.47 12.43 -45.60
C PRO B 359 16.71 13.21 -45.19
N HIS B 360 16.58 14.30 -44.45
CA HIS B 360 17.75 15.09 -44.05
C HIS B 360 18.11 14.90 -42.58
N GLY B 361 17.56 13.88 -41.92
CA GLY B 361 17.92 13.59 -40.55
C GLY B 361 17.25 14.43 -39.48
N TYR B 362 16.30 15.27 -39.86
CA TYR B 362 15.54 16.08 -38.90
C TYR B 362 14.31 15.32 -38.40
N VAL B 363 14.10 15.37 -37.08
CA VAL B 363 13.14 14.51 -36.40
C VAL B 363 11.85 15.27 -36.17
N HIS B 364 10.72 14.66 -36.52
CA HIS B 364 9.39 15.22 -36.26
C HIS B 364 8.60 14.24 -35.42
N GLU B 365 7.88 14.76 -34.43
CA GLU B 365 6.96 13.97 -33.62
C GLU B 365 5.56 14.17 -34.19
N THR B 366 5.08 13.18 -34.94
CA THR B 366 3.84 13.32 -35.70
C THR B 366 2.67 12.76 -34.92
N LEU B 367 1.55 13.49 -34.97
CA LEU B 367 0.31 13.09 -34.33
C LEU B 367 -0.72 12.81 -35.42
N THR B 368 -1.32 11.62 -35.37
CA THR B 368 -2.26 11.16 -36.39
C THR B 368 -3.67 11.50 -35.94
N VAL B 369 -4.37 12.28 -36.75
CA VAL B 369 -5.74 12.72 -36.45
C VAL B 369 -6.62 12.44 -37.65
N TYR B 370 -7.92 12.38 -37.40
CA TYR B 370 -8.88 12.09 -38.47
C TYR B 370 -9.20 13.34 -39.28
N LYS B 371 -9.70 14.39 -38.62
CA LYS B 371 -10.15 15.60 -39.29
C LYS B 371 -9.31 16.78 -38.82
N ALA B 372 -8.79 17.55 -39.77
CA ALA B 372 -8.00 18.73 -39.48
C ALA B 372 -8.71 19.96 -40.02
N CYS B 373 -8.83 20.99 -39.20
CA CYS B 373 -9.55 22.21 -39.55
C CYS B 373 -8.57 23.34 -39.83
N ASN B 374 -8.88 24.13 -40.87
CA ASN B 374 -8.11 25.33 -41.21
C ASN B 374 -6.66 24.99 -41.55
N LEU B 375 -6.48 24.16 -42.57
CA LEU B 375 -5.17 23.83 -43.09
C LEU B 375 -5.18 23.98 -44.61
N ASN B 376 -4.21 24.74 -45.12
CA ASN B 376 -4.05 24.91 -46.56
C ASN B 376 -3.10 23.85 -47.11
N LEU B 377 -3.42 23.35 -48.29
CA LEU B 377 -2.67 22.27 -48.92
C LEU B 377 -1.94 22.80 -50.14
N ILE B 378 -0.63 22.58 -50.19
CA ILE B 378 0.22 23.01 -51.30
C ILE B 378 1.11 21.84 -51.69
N GLY B 379 1.16 21.55 -52.98
CA GLY B 379 1.97 20.47 -53.50
C GLY B 379 1.12 19.35 -54.07
N ARG B 380 1.80 18.40 -54.70
CA ARG B 380 1.17 17.21 -55.21
C ARG B 380 1.52 16.00 -54.34
N PRO B 381 0.66 14.98 -54.30
CA PRO B 381 0.98 13.79 -53.51
C PRO B 381 2.25 13.11 -54.02
N SER B 382 3.03 12.60 -53.07
CA SER B 382 4.30 11.95 -53.39
C SER B 382 4.56 10.86 -52.36
N THR B 383 5.00 9.69 -52.84
CA THR B 383 5.21 8.53 -52.00
C THR B 383 6.66 8.38 -51.53
N GLU B 384 7.54 9.32 -51.86
CA GLU B 384 8.94 9.19 -51.50
C GLU B 384 9.14 9.41 -50.00
N HIS B 385 9.84 8.47 -49.38
CA HIS B 385 10.22 8.57 -47.96
C HIS B 385 9.00 8.75 -47.06
N SER B 386 7.89 8.09 -47.38
CA SER B 386 6.71 8.17 -46.54
C SER B 386 6.87 7.27 -45.32
N TRP B 387 6.59 7.82 -44.14
CA TRP B 387 6.69 7.05 -42.91
C TRP B 387 5.61 5.98 -42.82
N PHE B 388 4.48 6.18 -43.48
CA PHE B 388 3.41 5.19 -43.51
C PHE B 388 3.38 4.53 -44.88
N PRO B 389 3.76 3.26 -45.00
CA PRO B 389 3.76 2.61 -46.32
C PRO B 389 2.35 2.57 -46.91
N GLY B 390 2.28 2.75 -48.22
CA GLY B 390 1.02 2.78 -48.92
C GLY B 390 0.30 4.11 -48.94
N TYR B 391 0.94 5.18 -48.47
CA TYR B 391 0.32 6.50 -48.41
C TYR B 391 1.26 7.53 -49.02
N ALA B 392 0.68 8.52 -49.69
CA ALA B 392 1.42 9.68 -50.15
C ALA B 392 1.26 10.81 -49.13
N TRP B 393 1.80 11.99 -49.46
CA TRP B 393 1.70 13.11 -48.54
C TRP B 393 1.70 14.42 -49.31
N THR B 394 1.07 15.42 -48.71
CA THR B 394 1.10 16.80 -49.18
C THR B 394 1.26 17.70 -47.97
N VAL B 395 2.18 18.67 -48.08
CA VAL B 395 2.48 19.51 -46.92
C VAL B 395 1.30 20.42 -46.62
N ALA B 396 1.02 20.62 -45.33
CA ALA B 396 -0.09 21.41 -44.86
C ALA B 396 0.42 22.54 -43.98
N GLN B 397 -0.06 23.75 -44.23
CA GLN B 397 0.35 24.92 -43.47
C GLN B 397 -0.88 25.63 -42.94
N CYS B 398 -0.67 26.39 -41.85
CA CYS B 398 -1.75 27.13 -41.24
C CYS B 398 -2.30 28.17 -42.22
N LYS B 399 -3.63 28.22 -42.33
CA LYS B 399 -4.26 29.11 -43.30
C LYS B 399 -4.01 30.58 -43.00
N ILE B 400 -3.72 30.92 -41.74
CA ILE B 400 -3.58 32.33 -41.35
C ILE B 400 -2.12 32.75 -41.41
N CYS B 401 -1.26 32.11 -40.62
CA CYS B 401 0.13 32.51 -40.48
C CYS B 401 1.07 31.76 -41.42
N ALA B 402 0.57 30.78 -42.17
CA ALA B 402 1.34 30.05 -43.17
C ALA B 402 2.48 29.23 -42.59
N SER B 403 2.50 29.00 -41.28
CA SER B 403 3.53 28.18 -40.69
C SER B 403 3.27 26.71 -40.99
N HIS B 404 4.36 25.92 -41.02
CA HIS B 404 4.24 24.50 -41.32
C HIS B 404 3.66 23.77 -40.12
N ILE B 405 2.51 23.14 -40.31
CA ILE B 405 1.82 22.42 -39.25
C ILE B 405 2.00 20.92 -39.37
N GLY B 406 1.91 20.38 -40.59
CA GLY B 406 2.06 18.95 -40.79
C GLY B 406 1.86 18.53 -42.23
N TRP B 407 1.26 17.36 -42.43
CA TRP B 407 1.04 16.84 -43.77
C TRP B 407 -0.36 16.21 -43.83
N LYS B 408 -0.82 15.99 -45.05
CA LYS B 408 -2.05 15.26 -45.32
C LYS B 408 -1.69 13.98 -46.09
N PHE B 409 -2.10 12.85 -45.57
CA PHE B 409 -1.78 11.54 -46.15
C PHE B 409 -3.00 11.02 -46.89
N THR B 410 -2.82 10.72 -48.19
CA THR B 410 -3.88 10.20 -49.03
C THR B 410 -3.49 8.83 -49.56
N ALA B 411 -4.39 7.86 -49.43
CA ALA B 411 -4.11 6.52 -49.89
C ALA B 411 -4.03 6.45 -51.40
N THR B 412 -3.08 5.67 -51.92
CA THR B 412 -2.94 5.51 -53.35
C THR B 412 -4.08 4.66 -53.93
N LYS B 413 -4.41 3.56 -53.27
CA LYS B 413 -5.47 2.68 -53.73
C LYS B 413 -6.83 3.20 -53.28
N LYS B 414 -7.87 2.39 -53.50
CA LYS B 414 -9.21 2.71 -53.03
C LYS B 414 -9.73 1.71 -52.00
N ASP B 415 -9.02 0.61 -51.79
CA ASP B 415 -9.41 -0.37 -50.78
C ASP B 415 -8.77 -0.12 -49.43
N MET B 416 -7.91 0.90 -49.33
CA MET B 416 -7.28 1.22 -48.06
C MET B 416 -8.24 1.98 -47.15
N SER B 417 -8.18 1.66 -45.86
CA SER B 417 -8.97 2.38 -44.87
C SER B 417 -8.10 2.62 -43.65
N PRO B 418 -8.06 3.87 -43.13
CA PRO B 418 -8.79 5.05 -43.61
C PRO B 418 -8.22 5.60 -44.92
N GLN B 419 -9.09 6.16 -45.76
CA GLN B 419 -8.64 6.69 -47.05
C GLN B 419 -7.69 7.86 -46.86
N LYS B 420 -7.99 8.75 -45.91
CA LYS B 420 -7.16 9.92 -45.68
C LYS B 420 -7.07 10.20 -44.19
N PHE B 421 -5.92 10.71 -43.77
CA PHE B 421 -5.71 11.16 -42.40
C PHE B 421 -4.62 12.22 -42.40
N TRP B 422 -4.54 12.97 -41.31
CA TRP B 422 -3.62 14.09 -41.20
C TRP B 422 -2.61 13.82 -40.10
N GLY B 423 -1.35 14.19 -40.37
CA GLY B 423 -0.30 14.08 -39.38
C GLY B 423 0.32 15.42 -39.07
N LEU B 424 0.20 15.88 -37.82
CA LEU B 424 0.67 17.19 -37.41
C LEU B 424 1.83 17.04 -36.42
N THR B 425 2.83 17.90 -36.55
CA THR B 425 4.01 17.82 -35.71
C THR B 425 3.75 18.48 -34.36
N ARG B 426 4.30 17.88 -33.30
CA ARG B 426 4.05 18.38 -31.95
C ARG B 426 4.62 19.77 -31.74
N SER B 427 5.81 20.04 -32.28
CA SER B 427 6.49 21.30 -32.02
C SER B 427 5.73 22.50 -32.57
N ALA B 428 4.83 22.31 -33.53
CA ALA B 428 4.02 23.39 -34.07
C ALA B 428 2.64 23.45 -33.44
N LEU B 429 2.40 22.67 -32.39
CA LEU B 429 1.11 22.62 -31.72
C LEU B 429 1.28 22.98 -30.26
N LEU B 430 0.30 23.70 -29.70
CA LEU B 430 0.30 23.96 -28.27
C LEU B 430 -1.03 23.52 -27.67
N PRO B 431 -1.00 22.92 -26.48
CA PRO B 431 -2.26 22.51 -25.83
C PRO B 431 -2.94 23.70 -25.16
N THR B 432 -4.18 23.96 -25.57
CA THR B 432 -4.99 25.03 -25.01
C THR B 432 -5.95 24.44 -23.99
N ILE B 433 -5.73 24.74 -22.72
CA ILE B 433 -6.55 24.22 -21.63
C ILE B 433 -7.44 25.37 -21.14
N PRO B 434 -8.74 25.37 -21.44
CA PRO B 434 -9.68 26.41 -20.98
C PRO B 434 -9.77 26.49 -19.46
N PRO C 5 13.26 18.51 -57.07
CA PRO C 5 14.54 19.24 -57.09
C PRO C 5 14.74 20.12 -55.86
N PHE C 6 14.39 21.40 -55.97
CA PHE C 6 14.50 22.32 -54.84
C PHE C 6 13.38 22.09 -53.83
N GLN C 7 13.75 21.90 -52.57
CA GLN C 7 12.77 21.54 -51.55
C GLN C 7 13.37 21.81 -50.17
N CYS C 8 12.50 21.75 -49.15
CA CYS C 8 12.83 22.18 -47.80
C CYS C 8 13.67 21.12 -47.06
N ASN C 9 14.01 21.44 -45.82
CA ASN C 9 14.72 20.54 -44.93
C ASN C 9 14.00 20.29 -43.62
N GLN C 10 13.19 21.24 -43.15
CA GLN C 10 12.39 21.09 -41.93
C GLN C 10 10.98 20.61 -42.25
N CYS C 11 10.72 20.31 -43.53
CA CYS C 11 9.39 19.94 -43.99
C CYS C 11 9.53 19.11 -45.25
N GLY C 12 8.39 18.74 -45.83
CA GLY C 12 8.36 17.95 -47.03
C GLY C 12 8.71 18.77 -48.27
N ALA C 13 8.59 18.11 -49.42
CA ALA C 13 8.93 18.73 -50.69
C ALA C 13 8.10 19.98 -50.93
N SER C 14 8.78 21.08 -51.23
CA SER C 14 8.14 22.35 -51.60
C SER C 14 8.88 22.86 -52.82
N PHE C 15 8.43 22.43 -54.00
CA PHE C 15 9.08 22.77 -55.27
C PHE C 15 8.12 23.45 -56.23
N THR C 16 7.05 24.06 -55.72
CA THR C 16 6.08 24.71 -56.58
C THR C 16 6.68 25.90 -57.32
N GLN C 17 7.57 26.64 -56.67
CA GLN C 17 8.13 27.83 -57.27
C GLN C 17 9.47 28.16 -56.62
N LYS C 18 10.29 28.92 -57.36
CA LYS C 18 11.50 29.48 -56.78
C LYS C 18 11.20 30.42 -55.62
N GLY C 19 10.13 31.21 -55.73
CA GLY C 19 9.72 32.03 -54.61
C GLY C 19 9.36 31.22 -53.39
N ASN C 20 8.62 30.12 -53.58
CA ASN C 20 8.17 29.29 -52.47
C ASN C 20 9.33 28.78 -51.64
N LEU C 21 10.48 28.53 -52.27
CA LEU C 21 11.65 28.06 -51.52
C LEU C 21 12.00 29.02 -50.41
N LEU C 22 12.36 30.25 -50.75
CA LEU C 22 12.75 31.18 -49.69
C LEU C 22 11.59 31.65 -48.85
N ARG C 23 10.35 31.64 -49.37
CA ARG C 23 9.20 31.89 -48.49
C ARG C 23 9.19 30.90 -47.34
N HIS C 24 9.30 29.60 -47.67
CA HIS C 24 9.42 28.58 -46.65
C HIS C 24 10.68 28.73 -45.82
N ILE C 25 11.75 29.32 -46.39
CA ILE C 25 12.98 29.49 -45.63
C ILE C 25 12.79 30.48 -44.49
N LYS C 26 12.29 31.69 -44.78
CA LYS C 26 12.10 32.59 -43.64
C LYS C 26 10.90 32.17 -42.80
N LEU C 27 9.95 31.46 -43.41
CA LEU C 27 8.82 30.93 -42.68
C LEU C 27 9.27 29.94 -41.60
N HIS C 28 10.20 29.05 -41.94
CA HIS C 28 10.59 28.00 -41.01
C HIS C 28 11.34 28.58 -39.82
N SER C 29 12.19 29.59 -40.06
CA SER C 29 12.88 30.26 -38.96
C SER C 29 11.89 30.98 -38.05
N GLY C 30 10.88 31.63 -38.63
CA GLY C 30 9.88 32.34 -37.86
C GLY C 30 8.84 31.41 -37.25
ZN ZN D . -0.89 30.14 -37.78
C02 A1CEK E . 14.93 16.85 -49.75
C04 A1CEK E . 15.94 17.85 -50.32
C05 A1CEK E . 16.00 19.15 -49.84
C06 A1CEK E . 16.91 20.05 -50.36
C07 A1CEK E . 17.76 19.66 -51.37
C08 A1CEK E . 17.70 18.36 -51.86
C09 A1CEK E . 16.79 17.46 -51.33
C10 A1CEK E . 12.65 16.35 -48.79
C11 A1CEK E . 12.20 15.29 -49.59
C12 A1CEK E . 11.27 14.38 -49.10
C13 A1CEK E . 10.77 14.52 -47.80
C14 A1CEK E . 11.21 15.56 -47.00
C15 A1CEK E . 10.49 15.44 -45.64
C17 A1CEK E . 8.77 13.82 -44.60
C18 A1CEK E . 7.35 14.27 -44.77
C19 A1CEK E . 6.56 13.32 -45.60
C20 A1CEK E . 6.43 11.98 -44.90
C23 A1CEK E . 8.98 12.30 -44.53
C25 A1CEK E . 9.76 13.68 -46.99
C27 A1CEK E . 12.15 16.49 -47.49
N01 A1CEK E . 13.61 17.29 -49.32
N16 A1CEK E . 9.62 14.28 -45.68
N22 A1CEK E . 7.73 11.49 -44.37
O03 A1CEK E . 15.24 15.71 -49.66
O21 A1CEK E . 5.41 11.38 -44.81
O24 A1CEK E . 10.06 11.82 -44.62
O26 A1CEK E . 9.20 12.72 -47.40
ZN ZN F . 9.61 24.68 -45.35
#